data_3SXV
#
_entry.id   3SXV
#
_cell.length_a   53.991
_cell.length_b   79.620
_cell.length_c   77.520
_cell.angle_alpha   90.00
_cell.angle_beta   102.24
_cell.angle_gamma   90.00
#
_symmetry.space_group_name_H-M   'P 1 21 1'
#
loop_
_entity.id
_entity.type
_entity.pdbx_description
1 polymer Lactoperoxidase
2 branched 2-acetamido-2-deoxy-beta-D-glucopyranose-(1-4)-2-acetamido-2-deoxy-beta-D-glucopyranose
3 non-polymer 2-acetamido-2-deoxy-beta-D-glucopyranose
4 non-polymer 'PROTOPORPHYRIN IX CONTAINING FE'
5 non-polymer 'CALCIUM ION'
6 non-polymer 'ZINC ION'
7 non-polymer 'IODIDE ION'
8 non-polymer 'THIOCYANATE ION'
9 non-polymer 3-AMINO-1,2,4-TRIAZOLE
10 non-polymer 1,2-ETHANEDIOL
11 non-polymer GLYCEROL
12 non-polymer (4S)-2-METHYL-2,4-PENTANEDIOL
13 non-polymer DI(HYDROXYETHYL)ETHER
14 water water
#
_entity_poly.entity_id   1
_entity_poly.type   'polypeptide(L)'
_entity_poly.pdbx_seq_one_letter_code
;SWEVGCGAPVPLVTCDEQSPYRTITGDCNNRRSPALGAANRALARWLPAEYEDGLAVPFGWTQRKTRNGFRVPLAREVSN
KIVGYLDEEGVLDQNRSLLFMQWGQIVDHDLDFAPETELGSSEHSKVQCEEYCVQGDECFPIMFPKNDPKLKTQGKCMPF
FRAGFVCPTPPYQSLARDQINAVTSFLDASLVYGSEP(SEP)LASRLRNLSSPLGLMAVNQEAWDHGLAYPPFNNVKPSP
CEFINTTAHVPCFQAGDSRASEQILLATVHTLLLREHNRLARELKRLNPHWDGEMLYQEARKILGAFIQIITFRDYLPIV
LGSEMQKWIPPYQGYNNSVDPRISNVFTFAFRFGHMEVPSTVSRLDENYQPWGPEAELPLHTLFFNTWRIIKDGGIDPLV
RGLLAKNSKLMNQNKMVTSELRNKLFQPTHKVHGFDLAAINLQRCRDHGMPGYNSWRGFCGLSQPKTLKGLQAVLKNKVL
AKKLLDLYKTPDNIDIWIGGNAEPMVERGRVGPLLACLLGRQFQQIRDGDRFWWENPGVFTEKQRDSLQKVSFSRLICDN
THITKVPLHAFQANNYPHDFVDCSAVDKLDLSPWASREN
;
_entity_poly.pdbx_strand_id   A
#
loop_
_chem_comp.id
_chem_comp.type
_chem_comp.name
_chem_comp.formula
3TR non-polymer 3-AMINO-1,2,4-TRIAZOLE 'C2 H4 N4'
CA non-polymer 'CALCIUM ION' 'Ca 2'
EDO non-polymer 1,2-ETHANEDIOL 'C2 H6 O2'
GOL non-polymer GLYCEROL 'C3 H8 O3'
HEM non-polymer 'PROTOPORPHYRIN IX CONTAINING FE' 'C34 H32 Fe N4 O4'
IOD non-polymer 'IODIDE ION' 'I -1'
MPD non-polymer (4S)-2-METHYL-2,4-PENTANEDIOL 'C6 H14 O2'
NAG D-saccharide, beta linking 2-acetamido-2-deoxy-beta-D-glucopyranose 'C8 H15 N O6'
PEG non-polymer DI(HYDROXYETHYL)ETHER 'C4 H10 O3'
SCN non-polymer 'THIOCYANATE ION' 'C N S -1'
ZN non-polymer 'ZINC ION' 'Zn 2'
#
# COMPACT_ATOMS: atom_id res chain seq x y z
N SER A 1 -24.53 14.21 14.54
CA SER A 1 -23.37 13.92 15.45
C SER A 1 -22.52 15.18 15.66
N TRP A 2 -21.83 15.60 14.59
CA TRP A 2 -21.03 16.84 14.61
C TRP A 2 -21.08 17.44 13.20
N GLU A 3 -20.31 18.49 12.95
CA GLU A 3 -20.53 19.18 11.71
C GLU A 3 -20.49 18.13 10.64
N VAL A 4 -21.57 18.12 9.86
CA VAL A 4 -21.76 17.17 8.76
C VAL A 4 -20.78 17.41 7.60
N GLY A 5 -20.23 18.61 7.52
CA GLY A 5 -19.17 18.91 6.58
C GLY A 5 -18.19 19.88 7.23
N CYS A 6 -17.18 19.33 7.90
CA CYS A 6 -16.17 20.15 8.56
C CYS A 6 -15.21 20.79 7.57
N GLY A 7 -14.81 22.01 7.87
CA GLY A 7 -14.06 22.89 6.94
C GLY A 7 -12.60 22.53 6.68
N ALA A 8 -11.95 23.42 5.93
CA ALA A 8 -10.53 23.30 5.52
C ALA A 8 -10.11 22.15 4.57
N PRO A 9 -11.00 21.72 3.64
CA PRO A 9 -10.51 21.01 2.43
C PRO A 9 -10.53 21.99 1.24
N VAL A 10 -10.19 21.51 0.04
CA VAL A 10 -10.34 22.33 -1.18
C VAL A 10 -11.85 22.50 -1.42
N PRO A 11 -12.33 23.74 -1.64
CA PRO A 11 -13.73 23.98 -2.06
C PRO A 11 -13.91 24.18 -3.57
N LEU A 12 -12.85 24.54 -4.28
CA LEU A 12 -13.00 24.99 -5.64
C LEU A 12 -13.04 23.80 -6.56
N VAL A 13 -14.13 23.05 -6.42
CA VAL A 13 -14.41 21.93 -7.28
C VAL A 13 -15.79 22.11 -7.92
N THR A 14 -15.79 22.07 -9.24
CA THR A 14 -17.01 22.07 -10.06
C THR A 14 -17.04 20.76 -10.84
N CYS A 15 -18.16 20.07 -10.79
CA CYS A 15 -18.29 18.77 -11.46
C CYS A 15 -18.80 18.90 -12.89
N ASP A 16 -18.05 18.37 -13.85
CA ASP A 16 -18.47 18.47 -15.24
C ASP A 16 -19.78 17.75 -15.39
N GLU A 17 -19.89 16.59 -14.78
CA GLU A 17 -21.13 15.84 -14.64
C GLU A 17 -21.43 15.01 -15.88
N GLN A 18 -20.64 15.19 -16.92
CA GLN A 18 -20.78 14.43 -18.15
C GLN A 18 -19.45 13.99 -18.69
N SER A 19 -18.40 14.29 -17.94
CA SER A 19 -17.04 13.95 -18.35
C SER A 19 -17.04 12.44 -18.34
N PRO A 20 -16.48 11.84 -19.38
CA PRO A 20 -16.37 10.38 -19.41
C PRO A 20 -15.20 9.88 -18.57
N TYR A 21 -14.38 10.79 -18.07
CA TYR A 21 -13.17 10.43 -17.32
C TYR A 21 -13.23 10.82 -15.84
N ARG A 22 -12.60 9.99 -15.01
CA ARG A 22 -12.38 10.29 -13.59
C ARG A 22 -11.65 11.62 -13.46
N THR A 23 -11.99 12.38 -12.42
CA THR A 23 -11.12 13.47 -12.01
C THR A 23 -9.82 12.87 -11.41
N ILE A 24 -8.82 13.71 -11.20
CA ILE A 24 -7.57 13.30 -10.55
C ILE A 24 -7.80 13.16 -9.04
N THR A 25 -8.62 14.04 -8.47
CA THR A 25 -8.85 14.08 -7.01
C THR A 25 -9.88 13.06 -6.50
N GLY A 26 -10.65 12.47 -7.40
CA GLY A 26 -11.71 11.53 -7.03
C GLY A 26 -13.05 12.20 -6.81
N ASP A 27 -13.05 13.52 -6.71
CA ASP A 27 -14.30 14.28 -6.64
C ASP A 27 -15.18 13.94 -7.84
N CYS A 28 -16.49 14.10 -7.66
CA CYS A 28 -17.47 13.97 -8.75
C CYS A 28 -17.78 12.53 -9.14
N ASN A 29 -17.16 11.57 -8.45
CA ASN A 29 -17.48 10.18 -8.71
C ASN A 29 -18.93 9.89 -8.33
N ASN A 30 -19.29 10.17 -7.08
CA ASN A 30 -20.66 10.00 -6.64
C ASN A 30 -21.41 11.30 -6.90
N ARG A 31 -22.44 11.24 -7.73
CA ARG A 31 -23.19 12.44 -8.12
C ARG A 31 -23.93 13.10 -6.96
N ARG A 32 -24.51 12.30 -6.06
CA ARG A 32 -25.27 12.83 -4.92
C ARG A 32 -24.38 13.42 -3.82
N SER A 33 -23.20 12.84 -3.63
CA SER A 33 -22.23 13.41 -2.70
C SER A 33 -20.84 13.36 -3.37
N PRO A 34 -20.50 14.42 -4.12
CA PRO A 34 -19.29 14.42 -4.97
C PRO A 34 -17.96 14.34 -4.23
N ALA A 35 -17.93 14.66 -2.95
CA ALA A 35 -16.68 14.52 -2.17
C ALA A 35 -16.34 13.07 -1.76
N LEU A 36 -17.30 12.16 -1.82
CA LEU A 36 -17.10 10.77 -1.36
C LEU A 36 -15.99 10.04 -2.14
N GLY A 37 -14.97 9.57 -1.44
CA GLY A 37 -13.87 8.83 -2.10
C GLY A 37 -12.78 9.74 -2.62
N ALA A 38 -13.01 11.04 -2.55
CA ALA A 38 -12.04 12.05 -2.97
C ALA A 38 -10.88 12.06 -2.01
N ALA A 39 -9.70 12.35 -2.54
CA ALA A 39 -8.48 12.48 -1.77
C ALA A 39 -8.53 13.67 -0.82
N ASN A 40 -7.62 13.67 0.14
CA ASN A 40 -7.48 14.73 1.15
C ASN A 40 -8.70 15.07 1.99
N ARG A 41 -9.50 14.03 2.26
CA ARG A 41 -10.63 14.08 3.18
C ARG A 41 -10.38 13.08 4.32
N ALA A 42 -11.25 13.10 5.34
CA ALA A 42 -11.18 12.16 6.45
C ALA A 42 -11.36 10.73 5.98
N LEU A 43 -10.47 9.83 6.42
CA LEU A 43 -10.76 8.38 6.33
C LEU A 43 -12.13 8.17 6.96
N ALA A 44 -12.88 7.18 6.46
CA ALA A 44 -14.18 6.86 7.05
C ALA A 44 -14.03 6.11 8.38
N ARG A 45 -14.99 6.31 9.29
CA ARG A 45 -15.04 5.62 10.58
C ARG A 45 -16.15 4.59 10.56
N TRP A 46 -15.80 3.31 10.39
CA TRP A 46 -16.81 2.25 10.49
C TRP A 46 -17.29 2.07 11.93
N LEU A 47 -16.44 2.45 12.88
CA LEU A 47 -16.79 2.45 14.30
C LEU A 47 -16.26 3.73 14.90
N PRO A 48 -16.93 4.26 15.95
CA PRO A 48 -16.41 5.46 16.59
C PRO A 48 -14.96 5.31 17.05
N ALA A 49 -14.20 6.39 16.96
CA ALA A 49 -12.78 6.37 17.34
C ALA A 49 -12.62 6.09 18.83
N GLU A 50 -11.50 5.50 19.21
CA GLU A 50 -11.29 5.24 20.63
C GLU A 50 -9.96 5.80 21.09
N TYR A 51 -10.04 6.93 21.79
CA TYR A 51 -8.89 7.64 22.28
C TYR A 51 -8.99 7.66 23.79
N GLU A 52 -7.86 7.80 24.49
CA GLU A 52 -7.86 7.82 25.96
C GLU A 52 -8.68 8.97 26.57
N ASP A 53 -8.71 10.13 25.89
CA ASP A 53 -9.55 11.26 26.34
C ASP A 53 -10.87 11.38 25.56
N GLY A 54 -11.11 10.38 24.73
CA GLY A 54 -12.32 10.29 23.95
C GLY A 54 -12.31 11.21 22.74
N LEU A 55 -11.30 12.07 22.65
CA LEU A 55 -11.25 12.99 21.53
C LEU A 55 -10.02 12.74 20.66
N ALA A 56 -8.84 13.14 21.14
CA ALA A 56 -7.63 12.94 20.34
C ALA A 56 -6.40 12.20 20.88
N VAL A 57 -6.35 11.94 22.18
CA VAL A 57 -5.15 11.36 22.76
C VAL A 57 -5.14 9.85 22.70
N PRO A 58 -4.08 9.30 22.12
CA PRO A 58 -3.97 7.86 21.95
C PRO A 58 -3.82 7.09 23.25
N PHE A 59 -4.42 5.92 23.31
CA PHE A 59 -4.20 5.01 24.42
C PHE A 59 -2.69 4.76 24.49
N GLY A 60 -2.15 4.85 25.71
CA GLY A 60 -0.69 4.78 25.88
C GLY A 60 -0.01 6.12 26.05
N TRP A 61 -0.72 7.22 25.80
CA TRP A 61 -0.15 8.55 25.93
C TRP A 61 0.12 8.96 27.38
N THR A 62 -0.90 8.85 28.23
CA THR A 62 -0.75 9.14 29.66
C THR A 62 -0.50 7.84 30.39
N GLN A 63 0.62 7.77 31.11
CA GLN A 63 1.08 6.52 31.71
C GLN A 63 0.08 5.91 32.70
N ARG A 64 -0.55 6.77 33.51
CA ARG A 64 -1.53 6.31 34.49
C ARG A 64 -2.85 5.87 33.84
N LYS A 65 -3.25 6.52 32.75
CA LYS A 65 -4.53 6.21 32.10
C LYS A 65 -4.50 4.82 31.45
N THR A 66 -5.28 3.91 32.01
CA THR A 66 -5.35 2.55 31.50
C THR A 66 -6.37 2.43 30.36
N ARG A 67 -6.41 1.25 29.75
CA ARG A 67 -7.45 0.91 28.80
C ARG A 67 -8.15 -0.28 29.40
N ASN A 68 -9.43 -0.12 29.73
CA ASN A 68 -10.17 -1.20 30.39
C ASN A 68 -9.50 -1.68 31.68
N GLY A 69 -8.84 -0.78 32.39
CA GLY A 69 -8.26 -1.10 33.69
C GLY A 69 -6.84 -1.61 33.63
N PHE A 70 -6.27 -1.69 32.42
CA PHE A 70 -4.91 -2.17 32.22
C PHE A 70 -4.08 -1.24 31.38
N ARG A 71 -2.80 -1.12 31.72
CA ARG A 71 -1.89 -0.31 30.92
C ARG A 71 -1.73 -0.97 29.57
N VAL A 72 -1.59 -0.18 28.50
CA VAL A 72 -1.30 -0.81 27.21
C VAL A 72 0.21 -0.99 27.13
N PRO A 73 0.66 -2.13 26.60
CA PRO A 73 2.09 -2.42 26.55
C PRO A 73 2.76 -1.61 25.45
N LEU A 74 4.05 -1.31 25.66
CA LEU A 74 4.85 -0.60 24.68
C LEU A 74 4.83 -1.33 23.35
N ALA A 75 4.65 -0.55 22.29
CA ALA A 75 4.66 -1.06 20.91
C ALA A 75 5.92 -1.87 20.60
N ARG A 76 7.06 -1.33 20.99
CA ARG A 76 8.35 -1.99 20.75
C ARG A 76 8.48 -3.27 21.59
N GLU A 77 7.84 -3.34 22.75
CA GLU A 77 7.85 -4.56 23.56
C GLU A 77 6.99 -5.67 22.93
N VAL A 78 5.82 -5.31 22.39
CA VAL A 78 5.02 -6.28 21.67
C VAL A 78 5.82 -6.75 20.44
N SER A 79 6.48 -5.81 19.76
CA SER A 79 7.30 -6.19 18.62
C SER A 79 8.36 -7.24 18.99
N ASN A 80 9.18 -6.95 20.00
CA ASN A 80 10.24 -7.86 20.46
C ASN A 80 9.73 -9.25 20.82
N LYS A 81 8.77 -9.29 21.72
CA LYS A 81 8.22 -10.51 22.26
C LYS A 81 7.45 -11.40 21.29
N ILE A 82 6.60 -10.80 20.48
CA ILE A 82 5.76 -11.57 19.59
C ILE A 82 6.09 -11.56 18.10
N VAL A 83 6.32 -10.38 17.56
CA VAL A 83 6.61 -10.18 16.14
C VAL A 83 7.92 -10.73 15.58
N GLY A 84 8.98 -10.69 16.36
CA GLY A 84 10.32 -11.02 15.88
C GLY A 84 10.65 -12.49 15.87
N TYR A 85 11.68 -12.82 15.10
CA TYR A 85 12.22 -14.17 15.00
C TYR A 85 13.63 -14.10 14.39
N LEU A 86 14.40 -15.19 14.54
CA LEU A 86 15.79 -15.20 14.13
C LEU A 86 16.04 -15.97 12.85
N ASP A 87 15.36 -17.11 12.71
CA ASP A 87 15.66 -18.08 11.65
C ASP A 87 14.84 -17.80 10.39
N GLU A 88 15.51 -17.37 9.33
CA GLU A 88 14.81 -17.15 8.06
C GLU A 88 14.55 -18.45 7.29
N GLU A 89 15.27 -19.51 7.63
CA GLU A 89 15.04 -20.82 7.01
C GLU A 89 13.59 -21.23 7.15
N GLY A 90 13.00 -21.74 6.07
CA GLY A 90 11.66 -22.31 6.10
C GLY A 90 10.49 -21.34 6.16
N VAL A 91 10.75 -20.04 6.09
CA VAL A 91 9.65 -19.07 6.24
C VAL A 91 8.90 -18.75 4.94
N LEU A 92 9.38 -19.28 3.82
CA LEU A 92 8.88 -18.85 2.51
C LEU A 92 7.57 -19.51 2.12
N ASP A 93 6.74 -18.73 1.43
CA ASP A 93 5.42 -19.16 1.00
C ASP A 93 5.58 -20.07 -0.22
N GLN A 94 5.37 -21.36 0.00
CA GLN A 94 5.53 -22.37 -1.04
C GLN A 94 4.69 -22.10 -2.29
N ASN A 95 3.54 -21.45 -2.11
CA ASN A 95 2.70 -21.18 -3.29
C ASN A 95 2.25 -19.74 -3.55
N ARG A 96 3.14 -18.79 -3.26
CA ARG A 96 2.95 -17.40 -3.66
C ARG A 96 4.30 -16.82 -4.08
N SER A 97 4.35 -16.30 -5.30
CA SER A 97 5.54 -15.62 -5.81
C SER A 97 5.78 -14.35 -5.01
N LEU A 98 6.99 -13.80 -5.13
CA LEU A 98 7.29 -12.50 -4.54
C LEU A 98 6.41 -11.37 -5.10
N LEU A 99 5.92 -11.54 -6.33
CA LEU A 99 5.01 -10.57 -6.92
C LEU A 99 3.72 -10.39 -6.10
N PHE A 100 3.27 -11.47 -5.46
CA PHE A 100 2.05 -11.44 -4.63
C PHE A 100 2.15 -10.40 -3.51
N MET A 101 3.28 -10.39 -2.80
CA MET A 101 3.53 -9.37 -1.78
C MET A 101 3.57 -8.00 -2.44
N GLN A 102 4.28 -7.91 -3.57
CA GLN A 102 4.51 -6.60 -4.19
C GLN A 102 3.23 -5.96 -4.71
N TRP A 103 2.34 -6.77 -5.28
CA TRP A 103 1.09 -6.23 -5.80
C TRP A 103 0.22 -5.67 -4.67
N GLY A 104 0.28 -6.34 -3.53
CA GLY A 104 -0.45 -5.86 -2.35
C GLY A 104 -0.02 -4.46 -1.97
N GLN A 105 1.29 -4.19 -1.97
CA GLN A 105 1.79 -2.84 -1.65
C GLN A 105 1.31 -1.81 -2.68
N ILE A 106 1.31 -2.19 -3.95
CA ILE A 106 0.77 -1.36 -5.06
C ILE A 106 -0.69 -0.98 -4.87
N VAL A 107 -1.53 -1.97 -4.60
CA VAL A 107 -2.95 -1.74 -4.39
C VAL A 107 -3.15 -0.86 -3.16
N ASP A 108 -2.39 -1.11 -2.12
CA ASP A 108 -2.51 -0.34 -0.88
C ASP A 108 -2.21 1.12 -1.15
N HIS A 109 -1.17 1.38 -1.92
CA HIS A 109 -0.73 2.74 -2.20
C HIS A 109 -1.69 3.47 -3.12
N ASP A 110 -2.42 2.72 -3.92
CA ASP A 110 -3.49 3.30 -4.70
C ASP A 110 -4.61 3.81 -3.78
N LEU A 111 -4.87 3.12 -2.67
CA LEU A 111 -6.10 3.37 -1.91
C LEU A 111 -5.98 4.28 -0.70
N ASP A 112 -4.84 4.25 -0.01
CA ASP A 112 -4.70 5.07 1.18
C ASP A 112 -3.30 5.56 1.50
N PHE A 113 -3.29 6.74 2.11
CA PHE A 113 -2.07 7.36 2.59
C PHE A 113 -2.48 8.37 3.65
N ALA A 114 -2.04 8.13 4.87
CA ALA A 114 -2.29 9.04 5.99
C ALA A 114 -0.95 9.64 6.42
N PRO A 115 -0.54 10.75 5.79
CA PRO A 115 0.80 11.30 6.03
C PRO A 115 0.96 11.96 7.40
N GLU A 116 2.20 12.01 7.87
CA GLU A 116 2.54 12.66 9.13
C GLU A 116 2.27 14.15 9.02
N THR A 117 1.91 14.76 10.14
CA THR A 117 1.59 16.16 10.16
C THR A 117 2.82 16.99 9.75
N GLU A 118 2.60 18.25 9.41
CA GLU A 118 3.67 19.11 9.01
C GLU A 118 4.04 20.16 10.08
N LEU A 119 3.28 21.25 10.15
CA LEU A 119 3.45 22.21 11.24
C LEU A 119 4.80 22.74 11.71
N GLY A 120 5.84 22.55 10.90
CA GLY A 120 7.15 23.07 11.25
C GLY A 120 8.20 23.01 10.16
N SER A 121 8.11 23.82 9.09
CA SER A 121 9.17 23.70 8.09
C SER A 121 10.51 24.06 8.73
N SER A 122 10.48 25.07 9.61
CA SER A 122 11.65 25.54 10.35
C SER A 122 11.83 24.77 11.68
N GLU A 123 11.07 23.69 11.81
CA GLU A 123 10.86 22.97 13.05
C GLU A 123 12.11 22.43 13.72
N HIS A 124 12.14 22.63 15.03
CA HIS A 124 13.19 22.08 15.86
C HIS A 124 12.57 20.93 16.63
N SER A 125 11.24 20.92 16.62
CA SER A 125 10.49 19.89 17.31
C SER A 125 10.92 18.62 16.64
N LYS A 126 11.22 18.75 15.36
CA LYS A 126 11.61 17.63 14.53
C LYS A 126 12.83 17.04 15.17
N VAL A 127 13.64 17.89 15.78
CA VAL A 127 14.87 17.50 16.44
C VAL A 127 14.66 17.25 17.95
N GLN A 128 13.70 17.97 18.56
CA GLN A 128 13.36 17.71 19.96
C GLN A 128 12.78 16.31 20.16
N CYS A 129 11.93 15.89 19.24
CA CYS A 129 11.43 14.53 19.30
C CYS A 129 12.51 13.50 19.02
N GLU A 130 13.25 13.67 17.94
CA GLU A 130 14.31 12.71 17.61
C GLU A 130 15.50 12.64 18.58
N GLU A 131 16.01 13.80 18.98
CA GLU A 131 17.16 13.89 19.87
C GLU A 131 16.91 13.54 21.33
N TYR A 132 15.77 13.99 21.83
CA TYR A 132 15.47 13.92 23.26
C TYR A 132 14.32 13.00 23.65
N CYS A 133 13.55 12.54 22.68
CA CYS A 133 12.50 11.54 22.92
C CYS A 133 11.44 12.03 23.90
N VAL A 134 11.13 13.32 23.84
CA VAL A 134 10.17 13.91 24.76
C VAL A 134 8.81 14.02 24.08
N GLN A 135 7.83 13.34 24.65
CA GLN A 135 6.52 13.30 24.04
C GLN A 135 5.77 14.61 24.25
N GLY A 136 5.32 15.20 23.14
CA GLY A 136 4.46 16.35 23.21
C GLY A 136 3.81 16.65 21.88
N ASP A 137 2.54 17.00 21.90
CA ASP A 137 1.88 17.38 20.66
C ASP A 137 2.11 16.25 19.67
N GLU A 138 2.31 16.58 18.40
CA GLU A 138 2.53 15.58 17.38
C GLU A 138 3.67 14.56 17.56
N CYS A 139 4.58 14.83 18.49
CA CYS A 139 5.69 13.92 18.80
C CYS A 139 5.21 12.84 19.75
N PHE A 140 5.18 11.59 19.27
CA PHE A 140 4.63 10.47 20.03
C PHE A 140 5.65 9.31 19.98
N PRO A 141 6.82 9.50 20.61
CA PRO A 141 7.96 8.58 20.39
C PRO A 141 7.68 7.16 20.86
N ILE A 142 8.27 6.21 20.15
CA ILE A 142 8.17 4.80 20.48
C ILE A 142 9.32 4.50 21.42
N MET A 143 9.02 4.38 22.71
CA MET A 143 10.03 4.16 23.75
C MET A 143 10.46 2.70 23.78
N PHE A 144 11.76 2.48 23.94
CA PHE A 144 12.30 1.14 24.11
C PHE A 144 12.00 0.59 25.49
N PRO A 145 11.61 -0.70 25.56
CA PRO A 145 11.49 -1.35 26.85
C PRO A 145 12.89 -1.62 27.41
N LYS A 146 12.95 -1.81 28.73
CA LYS A 146 14.17 -2.28 29.39
C LYS A 146 14.48 -3.66 28.80
N ASN A 147 15.77 -3.95 28.62
CA ASN A 147 16.25 -5.18 27.98
C ASN A 147 16.33 -5.09 26.45
N ASP A 148 15.91 -3.97 25.88
CA ASP A 148 15.91 -3.83 24.43
C ASP A 148 17.31 -3.48 23.96
N PRO A 149 17.89 -4.34 23.10
CA PRO A 149 19.22 -4.08 22.55
C PRO A 149 19.38 -2.69 21.94
N LYS A 150 18.30 -2.13 21.37
CA LYS A 150 18.39 -0.80 20.78
C LYS A 150 18.64 0.28 21.83
N LEU A 151 18.23 0.02 23.06
CA LEU A 151 18.51 0.93 24.16
C LEU A 151 20.01 1.10 24.34
N LYS A 152 20.77 0.04 24.06
CA LYS A 152 22.21 0.09 24.20
C LYS A 152 22.90 0.81 23.04
N THR A 153 22.31 0.75 21.86
CA THR A 153 22.96 1.25 20.65
C THR A 153 22.27 2.46 20.00
N GLN A 154 21.02 2.71 20.35
CA GLN A 154 20.23 3.73 19.64
C GLN A 154 19.59 4.83 20.51
N GLY A 155 19.91 4.87 21.80
CA GLY A 155 19.30 5.87 22.69
C GLY A 155 18.00 5.36 23.28
N LYS A 156 17.12 6.26 23.68
CA LYS A 156 15.95 5.88 24.49
C LYS A 156 14.68 5.56 23.68
N CYS A 157 14.64 5.93 22.41
CA CYS A 157 13.40 5.77 21.62
C CYS A 157 13.61 5.78 20.10
N MET A 158 12.55 5.41 19.37
CA MET A 158 12.46 5.68 17.95
C MET A 158 11.49 6.84 17.78
N PRO A 159 11.89 7.86 17.02
CA PRO A 159 10.99 8.98 16.77
C PRO A 159 9.74 8.52 16.00
N PHE A 160 8.64 9.21 16.24
CA PHE A 160 7.35 8.87 15.66
C PHE A 160 6.49 10.12 15.73
N PHE A 161 5.88 10.48 14.62
CA PHE A 161 5.10 11.70 14.55
C PHE A 161 3.66 11.37 14.15
N ARG A 162 2.71 11.93 14.90
CA ARG A 162 1.29 11.65 14.73
C ARG A 162 0.77 12.02 13.34
N ALA A 163 -0.15 11.21 12.84
CA ALA A 163 -0.71 11.36 11.50
C ALA A 163 -1.50 12.67 11.37
N GLY A 164 -1.52 13.21 10.15
CA GLY A 164 -2.31 14.41 9.83
C GLY A 164 -3.79 14.16 10.01
N PHE A 165 -4.54 15.22 10.34
CA PHE A 165 -5.98 15.12 10.58
C PHE A 165 -6.73 16.33 10.01
N VAL A 166 -8.01 16.12 9.71
CA VAL A 166 -8.84 17.09 9.01
C VAL A 166 -9.24 18.32 9.79
N CYS A 167 -9.69 19.33 9.05
CA CYS A 167 -9.98 20.65 9.57
C CYS A 167 -8.63 21.27 9.95
N PRO A 168 -8.53 21.83 11.14
CA PRO A 168 -7.26 22.37 11.59
C PRO A 168 -6.15 21.34 11.62
N THR A 169 -4.93 21.72 11.28
CA THR A 169 -3.77 20.87 11.53
C THR A 169 -3.33 20.95 13.01
N PRO A 170 -3.49 22.12 13.67
CA PRO A 170 -3.50 22.17 15.16
C PRO A 170 -4.70 21.38 15.73
N PRO A 171 -4.52 20.74 16.91
CA PRO A 171 -5.57 19.87 17.50
C PRO A 171 -6.85 20.59 17.90
N TYR A 172 -7.98 19.90 17.69
CA TYR A 172 -9.32 20.42 17.98
C TYR A 172 -9.96 19.57 19.09
N GLN A 173 -10.79 20.20 19.95
CA GLN A 173 -11.29 19.52 21.16
C GLN A 173 -12.82 19.46 21.36
N SER A 174 -13.57 19.52 20.23
CA SER A 174 -15.03 19.34 20.28
C SER A 174 -15.52 17.97 19.78
N LEU A 175 -14.99 17.51 18.64
CA LEU A 175 -15.25 16.15 18.14
C LEU A 175 -13.96 15.35 17.96
N ALA A 176 -14.11 14.04 17.81
CA ALA A 176 -13.01 13.07 17.66
C ALA A 176 -12.10 13.35 16.47
N ARG A 177 -10.81 13.25 16.72
CA ARG A 177 -9.78 13.45 15.70
C ARG A 177 -9.90 12.48 14.54
N ASP A 178 -9.95 13.01 13.32
CA ASP A 178 -10.04 12.18 12.11
C ASP A 178 -8.82 12.34 11.20
N GLN A 179 -8.13 11.22 10.96
CA GLN A 179 -6.95 11.21 10.10
C GLN A 179 -7.33 11.32 8.63
N ILE A 180 -6.41 11.90 7.86
CA ILE A 180 -6.62 12.20 6.44
C ILE A 180 -6.21 11.05 5.54
N ASN A 181 -7.02 10.77 4.53
CA ASN A 181 -6.55 9.95 3.42
C ASN A 181 -6.18 10.88 2.27
N ALA A 182 -4.88 10.94 1.96
CA ALA A 182 -4.32 11.86 0.98
C ALA A 182 -4.39 11.35 -0.46
N VAL A 183 -4.89 10.14 -0.66
CA VAL A 183 -5.07 9.63 -2.02
C VAL A 183 -6.52 9.19 -2.27
N THR A 184 -6.86 8.96 -3.53
CA THR A 184 -8.25 8.63 -3.90
C THR A 184 -8.63 7.22 -3.47
N SER A 185 -9.78 7.07 -2.84
CA SER A 185 -10.27 5.78 -2.36
C SER A 185 -10.58 4.77 -3.46
N PHE A 186 -10.87 5.27 -4.66
CA PHE A 186 -11.16 4.43 -5.81
C PHE A 186 -9.90 3.74 -6.29
N LEU A 187 -10.02 2.49 -6.73
CA LEU A 187 -8.91 1.76 -7.30
C LEU A 187 -8.78 2.27 -8.73
N ASP A 188 -7.91 3.24 -8.92
CA ASP A 188 -7.96 4.08 -10.11
C ASP A 188 -6.60 4.54 -10.63
N ALA A 189 -5.53 3.85 -10.24
CA ALA A 189 -4.15 4.16 -10.67
C ALA A 189 -3.64 5.54 -10.25
N SER A 190 -4.19 6.06 -9.16
CA SER A 190 -3.72 7.33 -8.62
C SER A 190 -2.28 7.26 -8.13
N LEU A 191 -1.78 6.06 -7.93
CA LEU A 191 -0.37 5.89 -7.54
C LEU A 191 0.55 6.17 -8.73
N VAL A 192 -0.04 6.15 -9.93
CA VAL A 192 0.68 6.44 -11.17
C VAL A 192 0.48 7.91 -11.58
N TYR A 193 -0.76 8.38 -11.51
CA TYR A 193 -1.10 9.71 -12.04
C TYR A 193 -1.16 10.84 -11.02
N GLY A 194 -1.11 10.50 -9.74
CA GLY A 194 -1.23 11.51 -8.70
C GLY A 194 -2.67 11.64 -8.25
N SER A 195 -2.85 12.22 -7.06
CA SER A 195 -4.17 12.47 -6.48
C SER A 195 -4.44 13.98 -6.33
N GLU A 196 -3.48 14.77 -6.79
CA GLU A 196 -3.55 16.22 -6.73
C GLU A 196 -3.25 16.81 -8.12
N PRO A 197 -4.00 17.83 -8.51
CA PRO A 197 -3.89 18.39 -9.85
C PRO A 197 -2.49 18.87 -10.05
N SEP A 198 -1.93 19.41 -8.99
CA SEP A 198 -0.61 19.96 -9.04
CB SEP A 198 -0.35 20.55 -7.65
OG SEP A 198 -1.45 21.37 -7.25
C SEP A 198 0.44 18.90 -9.43
O SEP A 198 1.28 19.13 -10.29
P SEP A 198 -2.47 20.83 -6.11
O1P SEP A 198 -3.95 21.24 -6.45
O2P SEP A 198 -2.13 21.42 -4.68
O3P SEP A 198 -2.35 19.26 -6.07
N LEU A 199 0.38 17.73 -8.82
CA LEU A 199 1.27 16.62 -9.17
C LEU A 199 0.99 15.96 -10.52
N ALA A 200 -0.29 15.70 -10.78
CA ALA A 200 -0.74 15.06 -12.00
C ALA A 200 -0.15 15.75 -13.24
N SER A 201 -0.03 17.07 -13.18
CA SER A 201 0.46 17.86 -14.30
C SER A 201 1.99 17.78 -14.41
N ARG A 202 2.70 17.98 -13.30
CA ARG A 202 4.16 17.84 -13.32
C ARG A 202 4.60 16.49 -13.84
N LEU A 203 3.78 15.46 -13.63
CA LEU A 203 4.12 14.09 -14.05
C LEU A 203 3.93 13.90 -15.54
N ARG A 204 3.11 14.76 -16.12
CA ARG A 204 2.78 14.62 -17.53
C ARG A 204 3.83 15.23 -18.42
N ASN A 205 3.93 14.73 -19.64
CA ASN A 205 4.77 15.34 -20.64
C ASN A 205 3.88 16.21 -21.51
N LEU A 206 3.91 17.50 -21.25
CA LEU A 206 3.11 18.47 -21.99
C LEU A 206 3.97 19.24 -23.01
N SER A 207 5.10 18.65 -23.40
CA SER A 207 5.95 19.18 -24.46
C SER A 207 5.52 18.67 -25.83
N SER A 208 4.94 17.48 -25.86
CA SER A 208 4.45 16.86 -27.10
C SER A 208 2.99 16.45 -26.96
N PRO A 209 2.19 16.57 -28.05
CA PRO A 209 0.75 16.30 -27.97
C PRO A 209 0.39 14.81 -27.99
N LEU A 210 1.22 13.98 -27.36
CA LEU A 210 1.10 12.52 -27.48
C LEU A 210 0.53 11.83 -26.24
N GLY A 211 0.10 12.60 -25.25
CA GLY A 211 -0.52 12.06 -24.04
C GLY A 211 0.40 11.17 -23.22
N LEU A 212 1.70 11.47 -23.27
CA LEU A 212 2.70 10.67 -22.57
C LEU A 212 2.95 11.20 -21.16
N MET A 213 3.42 10.30 -20.29
CA MET A 213 3.92 10.69 -19.00
C MET A 213 5.40 10.97 -19.20
N ALA A 214 5.90 11.98 -18.50
CA ALA A 214 7.30 12.37 -18.64
C ALA A 214 8.20 11.25 -18.13
N VAL A 215 9.38 11.16 -18.73
CA VAL A 215 10.32 10.10 -18.36
C VAL A 215 11.68 10.67 -18.03
N ASN A 216 12.52 9.82 -17.46
CA ASN A 216 13.87 10.22 -17.12
C ASN A 216 14.63 10.56 -18.40
N GLN A 217 15.33 11.69 -18.38
CA GLN A 217 16.15 12.08 -19.52
C GLN A 217 17.61 11.79 -19.22
N GLU A 218 17.95 11.70 -17.93
CA GLU A 218 19.29 11.37 -17.45
C GLU A 218 19.68 9.92 -17.73
N ALA A 219 18.78 8.99 -17.41
CA ALA A 219 19.09 7.56 -17.51
C ALA A 219 18.03 6.77 -18.26
N TRP A 220 18.51 5.72 -18.93
CA TRP A 220 17.66 4.82 -19.68
C TRP A 220 17.95 3.37 -19.30
N ASP A 221 16.96 2.52 -19.51
CA ASP A 221 17.08 1.10 -19.18
C ASP A 221 17.19 0.36 -20.50
N HIS A 222 18.40 0.31 -21.04
CA HIS A 222 18.67 -0.28 -22.35
C HIS A 222 17.61 0.18 -23.35
N GLY A 223 17.43 1.49 -23.46
CA GLY A 223 16.41 2.07 -24.33
C GLY A 223 14.98 2.06 -23.79
N LEU A 224 14.81 1.67 -22.54
CA LEU A 224 13.49 1.72 -21.91
C LEU A 224 13.45 2.77 -20.81
N ALA A 225 12.26 3.30 -20.54
CA ALA A 225 12.13 4.47 -19.67
C ALA A 225 12.26 4.16 -18.18
N TYR A 226 12.71 5.16 -17.43
CA TYR A 226 12.61 5.19 -15.97
C TYR A 226 11.64 6.31 -15.60
N PRO A 227 11.08 6.27 -14.37
CA PRO A 227 10.42 7.49 -13.92
C PRO A 227 11.41 8.66 -13.82
N PRO A 228 10.91 9.89 -13.93
CA PRO A 228 11.77 11.05 -13.70
C PRO A 228 12.26 11.06 -12.28
N PHE A 229 13.41 11.70 -12.05
CA PHE A 229 13.93 11.87 -10.71
C PHE A 229 13.10 12.92 -10.02
N ASN A 230 12.93 12.77 -8.71
CA ASN A 230 12.44 13.87 -7.91
C ASN A 230 13.67 14.68 -7.54
N ASN A 231 13.76 15.90 -8.06
CA ASN A 231 14.98 16.69 -7.89
C ASN A 231 15.03 17.57 -6.65
N VAL A 232 14.06 17.37 -5.75
CA VAL A 232 14.02 18.10 -4.47
C VAL A 232 14.92 17.44 -3.40
N LYS A 233 15.49 18.29 -2.55
CA LYS A 233 16.45 17.86 -1.55
C LYS A 233 16.05 18.38 -0.17
N PRO A 234 16.41 17.65 0.91
CA PRO A 234 17.23 16.44 0.94
C PRO A 234 16.45 15.18 0.55
N SER A 235 17.13 14.32 -0.22
CA SER A 235 16.55 13.14 -0.81
C SER A 235 17.11 11.89 -0.13
N PRO A 236 16.23 11.00 0.37
CA PRO A 236 16.72 9.83 1.10
C PRO A 236 17.43 8.81 0.21
N CYS A 237 17.08 8.77 -1.06
CA CYS A 237 17.74 7.85 -2.00
C CYS A 237 19.18 8.26 -2.29
N GLU A 238 19.45 9.57 -2.23
CA GLU A 238 20.82 10.08 -2.32
C GLU A 238 21.53 9.84 -1.01
N PHE A 239 20.79 9.97 0.09
CA PHE A 239 21.36 9.82 1.43
C PHE A 239 21.94 8.41 1.65
N ILE A 240 21.22 7.39 1.22
CA ILE A 240 21.66 6.01 1.45
C ILE A 240 22.92 5.64 0.66
N ASN A 241 23.26 6.45 -0.34
CA ASN A 241 24.54 6.34 -1.02
C ASN A 241 25.03 7.73 -1.43
N THR A 242 26.01 8.23 -0.68
CA THR A 242 26.68 9.52 -0.92
C THR A 242 27.36 9.56 -2.29
N THR A 243 28.01 8.46 -2.64
CA THR A 243 28.84 8.34 -3.84
C THR A 243 28.03 8.26 -5.13
N ALA A 244 26.93 7.49 -5.07
CA ALA A 244 26.10 7.27 -6.24
C ALA A 244 25.26 8.49 -6.60
N HIS A 245 24.81 9.25 -5.60
CA HIS A 245 23.94 10.42 -5.82
C HIS A 245 22.81 10.12 -6.80
N VAL A 246 22.07 9.04 -6.59
CA VAL A 246 20.88 8.81 -7.40
C VAL A 246 19.65 9.12 -6.55
N PRO A 247 18.84 10.09 -7.02
CA PRO A 247 17.63 10.52 -6.30
C PRO A 247 16.49 9.51 -6.40
N CYS A 248 15.51 9.67 -5.54
CA CYS A 248 14.28 8.90 -5.63
C CYS A 248 13.58 9.24 -6.92
N PHE A 249 12.62 8.38 -7.28
CA PHE A 249 11.82 8.63 -8.45
C PHE A 249 10.64 9.52 -8.10
N GLN A 250 9.95 9.97 -9.14
CA GLN A 250 8.80 10.83 -8.97
C GLN A 250 7.64 10.15 -9.66
N ALA A 251 6.70 9.69 -8.85
CA ALA A 251 5.56 8.95 -9.34
C ALA A 251 4.29 9.64 -8.86
N GLY A 252 3.14 9.11 -9.27
CA GLY A 252 1.85 9.62 -8.81
C GLY A 252 1.64 9.45 -7.32
N ASP A 253 2.48 8.63 -6.70
CA ASP A 253 2.43 8.43 -5.25
C ASP A 253 3.81 8.64 -4.66
N SER A 254 3.89 9.38 -3.56
CA SER A 254 5.20 9.78 -3.03
C SER A 254 6.06 8.64 -2.48
N ARG A 255 5.44 7.49 -2.19
CA ARG A 255 6.15 6.39 -1.53
C ARG A 255 6.89 5.47 -2.49
N ALA A 256 6.78 5.76 -3.78
CA ALA A 256 7.26 4.92 -4.89
C ALA A 256 8.66 4.31 -4.71
N SER A 257 9.56 5.05 -4.08
CA SER A 257 10.95 4.60 -3.93
C SER A 257 11.27 3.96 -2.57
N GLU A 258 10.25 3.67 -1.77
CA GLU A 258 10.48 3.17 -0.41
C GLU A 258 11.31 1.91 -0.46
N GLN A 259 11.02 1.04 -1.41
CA GLN A 259 11.89 -0.09 -1.65
C GLN A 259 11.98 -0.41 -3.14
N ILE A 260 13.11 -0.99 -3.52
CA ILE A 260 13.48 -1.19 -4.92
C ILE A 260 12.42 -1.89 -5.80
N LEU A 261 11.69 -2.84 -5.20
CA LEU A 261 10.70 -3.60 -5.95
C LEU A 261 9.39 -2.83 -6.12
N LEU A 262 9.15 -1.85 -5.25
CA LEU A 262 8.00 -0.95 -5.43
C LEU A 262 8.34 0.01 -6.56
N ALA A 263 9.55 0.56 -6.52
CA ALA A 263 10.01 1.47 -7.59
C ALA A 263 9.93 0.73 -8.93
N THR A 264 10.36 -0.54 -8.90
CA THR A 264 10.29 -1.46 -10.04
C THR A 264 8.88 -1.61 -10.60
N VAL A 265 7.90 -1.78 -9.72
CA VAL A 265 6.53 -2.00 -10.19
C VAL A 265 5.94 -0.71 -10.73
N HIS A 266 6.31 0.41 -10.13
CA HIS A 266 5.90 1.73 -10.58
C HIS A 266 6.49 1.99 -11.97
N THR A 267 7.70 1.48 -12.22
CA THR A 267 8.35 1.67 -13.52
C THR A 267 7.59 0.93 -14.61
N LEU A 268 7.21 -0.32 -14.32
CA LEU A 268 6.37 -1.10 -15.22
C LEU A 268 5.04 -0.43 -15.59
N LEU A 269 4.38 0.19 -14.61
CA LEU A 269 3.10 0.84 -14.86
C LEU A 269 3.25 2.15 -15.64
N LEU A 270 4.34 2.88 -15.40
CA LEU A 270 4.60 4.11 -16.16
C LEU A 270 4.84 3.73 -17.62
N ARG A 271 5.72 2.75 -17.85
CA ARG A 271 5.94 2.22 -19.20
C ARG A 271 4.63 1.82 -19.88
N GLU A 272 3.72 1.17 -19.15
CA GLU A 272 2.47 0.72 -19.73
C GLU A 272 1.62 1.88 -20.26
N HIS A 273 1.60 2.97 -19.51
CA HIS A 273 0.85 4.16 -19.92
C HIS A 273 1.34 4.73 -21.25
N ASN A 274 2.66 4.95 -21.35
CA ASN A 274 3.27 5.46 -22.57
C ASN A 274 3.07 4.48 -23.73
N ARG A 275 3.23 3.19 -23.46
CA ARG A 275 2.98 2.17 -24.48
C ARG A 275 1.56 2.24 -24.99
N LEU A 276 0.60 2.34 -24.06
CA LEU A 276 -0.81 2.40 -24.41
C LEU A 276 -1.12 3.64 -25.23
N ALA A 277 -0.53 4.77 -24.82
CA ALA A 277 -0.75 6.04 -25.50
C ALA A 277 -0.16 6.05 -26.91
N ARG A 278 0.90 5.26 -27.14
CA ARG A 278 1.50 5.13 -28.47
C ARG A 278 0.61 4.33 -29.41
N GLU A 279 0.06 3.22 -28.92
CA GLU A 279 -0.86 2.42 -29.72
C GLU A 279 -2.14 3.20 -30.03
N LEU A 280 -2.61 3.97 -29.05
CA LEU A 280 -3.82 4.78 -29.20
C LEU A 280 -3.63 5.90 -30.24
N LYS A 281 -2.41 6.38 -30.38
CA LYS A 281 -2.06 7.36 -31.41
C LYS A 281 -2.14 6.71 -32.80
N ARG A 282 -1.54 5.54 -32.94
CA ARG A 282 -1.57 4.80 -34.20
C ARG A 282 -2.99 4.58 -34.72
N LEU A 283 -3.85 4.04 -33.85
CA LEU A 283 -5.23 3.78 -34.18
C LEU A 283 -6.03 5.05 -34.45
N ASN A 284 -5.76 6.09 -33.65
CA ASN A 284 -6.46 7.36 -33.79
C ASN A 284 -5.48 8.54 -33.89
N PRO A 285 -5.06 8.87 -35.13
CA PRO A 285 -4.11 9.98 -35.31
C PRO A 285 -4.75 11.34 -34.99
N HIS A 286 -6.07 11.40 -35.03
CA HIS A 286 -6.82 12.64 -34.79
C HIS A 286 -6.99 13.00 -33.31
N TRP A 287 -6.77 12.02 -32.43
CA TRP A 287 -6.85 12.25 -30.98
C TRP A 287 -5.75 13.17 -30.48
N ASP A 288 -6.14 14.22 -29.75
CA ASP A 288 -5.16 15.13 -29.13
C ASP A 288 -4.52 14.50 -27.89
N GLY A 289 -3.54 15.19 -27.30
CA GLY A 289 -2.80 14.69 -26.14
C GLY A 289 -3.67 14.35 -24.93
N GLU A 290 -4.57 15.27 -24.60
CA GLU A 290 -5.47 15.10 -23.46
C GLU A 290 -6.32 13.85 -23.61
N MET A 291 -6.91 13.65 -24.78
CA MET A 291 -7.68 12.43 -25.07
C MET A 291 -6.82 11.18 -24.91
N LEU A 292 -5.59 11.22 -25.45
CA LEU A 292 -4.65 10.10 -25.38
C LEU A 292 -4.30 9.74 -23.93
N TYR A 293 -3.91 10.75 -23.16
CA TYR A 293 -3.63 10.61 -21.73
C TYR A 293 -4.80 9.99 -20.99
N GLN A 294 -5.96 10.62 -21.10
CA GLN A 294 -7.17 10.16 -20.42
C GLN A 294 -7.53 8.73 -20.79
N GLU A 295 -7.45 8.41 -22.09
CA GLU A 295 -7.86 7.09 -22.55
C GLU A 295 -6.88 5.99 -22.13
N ALA A 296 -5.58 6.29 -22.18
CA ALA A 296 -4.54 5.41 -21.64
C ALA A 296 -4.69 5.23 -20.11
N ARG A 297 -4.86 6.35 -19.40
CA ARG A 297 -5.10 6.37 -17.96
C ARG A 297 -6.23 5.43 -17.56
N LYS A 298 -7.34 5.55 -18.28
CA LYS A 298 -8.55 4.77 -18.06
C LYS A 298 -8.31 3.28 -18.33
N ILE A 299 -7.50 2.96 -19.33
CA ILE A 299 -7.16 1.56 -19.60
C ILE A 299 -6.33 1.01 -18.43
N LEU A 300 -5.29 1.74 -18.03
CA LEU A 300 -4.42 1.31 -16.94
C LEU A 300 -5.22 1.07 -15.64
N GLY A 301 -6.11 2.00 -15.31
CA GLY A 301 -7.02 1.87 -14.17
C GLY A 301 -7.85 0.60 -14.22
N ALA A 302 -8.36 0.25 -15.40
CA ALA A 302 -9.08 -1.02 -15.56
C ALA A 302 -8.14 -2.20 -15.35
N PHE A 303 -6.90 -2.06 -15.82
CA PHE A 303 -5.92 -3.13 -15.67
C PHE A 303 -5.68 -3.38 -14.18
N ILE A 304 -5.44 -2.32 -13.43
CA ILE A 304 -5.21 -2.48 -12.00
C ILE A 304 -6.41 -3.16 -11.34
N GLN A 305 -7.63 -2.72 -11.68
CA GLN A 305 -8.86 -3.25 -11.09
C GLN A 305 -9.00 -4.76 -11.33
N ILE A 306 -8.79 -5.17 -12.57
CA ILE A 306 -8.95 -6.58 -12.97
C ILE A 306 -7.89 -7.49 -12.32
N ILE A 307 -6.63 -7.11 -12.44
CA ILE A 307 -5.59 -7.90 -11.77
C ILE A 307 -5.94 -8.04 -10.29
N THR A 308 -6.33 -6.93 -9.67
CA THR A 308 -6.60 -6.93 -8.23
C THR A 308 -7.76 -7.86 -7.87
N PHE A 309 -8.89 -7.70 -8.57
CA PHE A 309 -10.11 -8.38 -8.17
C PHE A 309 -10.24 -9.80 -8.70
N ARG A 310 -9.68 -10.05 -9.88
CA ARG A 310 -9.73 -11.36 -10.52
C ARG A 310 -8.59 -12.29 -10.09
N ASP A 311 -7.39 -11.73 -9.92
CA ASP A 311 -6.20 -12.55 -9.59
C ASP A 311 -5.70 -12.47 -8.14
N TYR A 312 -5.67 -11.26 -7.58
CA TYR A 312 -5.08 -11.02 -6.27
C TYR A 312 -6.03 -11.36 -5.10
N LEU A 313 -7.21 -10.75 -5.09
CA LEU A 313 -8.11 -10.89 -3.94
C LEU A 313 -8.59 -12.33 -3.66
N PRO A 314 -8.85 -13.13 -4.72
CA PRO A 314 -9.21 -14.53 -4.46
C PRO A 314 -8.14 -15.34 -3.71
N ILE A 315 -6.87 -15.02 -3.92
CA ILE A 315 -5.81 -15.75 -3.24
C ILE A 315 -5.37 -15.11 -1.92
N VAL A 316 -5.96 -13.96 -1.60
CA VAL A 316 -5.85 -13.36 -0.26
C VAL A 316 -7.02 -13.85 0.60
N LEU A 317 -8.23 -13.66 0.07
CA LEU A 317 -9.44 -13.94 0.84
C LEU A 317 -9.84 -15.41 0.86
N GLY A 318 -9.39 -16.19 -0.12
CA GLY A 318 -9.71 -17.62 -0.21
C GLY A 318 -11.20 -17.91 -0.16
N SER A 319 -11.59 -18.75 0.80
CA SER A 319 -12.98 -19.19 0.98
C SER A 319 -13.93 -18.07 1.36
N GLU A 320 -13.38 -16.95 1.81
CA GLU A 320 -14.18 -15.82 2.28
C GLU A 320 -14.48 -14.87 1.14
N MET A 321 -13.75 -15.02 0.05
CA MET A 321 -13.88 -14.15 -1.11
C MET A 321 -15.35 -13.96 -1.47
N GLN A 322 -16.02 -15.08 -1.76
CA GLN A 322 -17.40 -15.05 -2.22
C GLN A 322 -18.35 -14.51 -1.14
N LYS A 323 -18.05 -14.81 0.11
CA LYS A 323 -18.82 -14.31 1.26
C LYS A 323 -18.86 -12.76 1.37
N TRP A 324 -17.77 -12.09 0.97
CA TRP A 324 -17.66 -10.63 1.14
C TRP A 324 -17.69 -9.84 -0.16
N ILE A 325 -17.21 -10.46 -1.24
CA ILE A 325 -17.21 -9.81 -2.54
C ILE A 325 -17.90 -10.74 -3.56
N PRO A 326 -19.25 -10.77 -3.54
CA PRO A 326 -19.98 -11.57 -4.52
C PRO A 326 -19.76 -11.06 -5.95
N PRO A 327 -20.07 -11.88 -6.97
CA PRO A 327 -19.97 -11.39 -8.36
C PRO A 327 -20.67 -10.05 -8.54
N TYR A 328 -20.08 -9.20 -9.40
CA TYR A 328 -20.49 -7.81 -9.56
C TYR A 328 -21.92 -7.65 -10.07
N GLN A 329 -22.65 -6.68 -9.53
CA GLN A 329 -24.06 -6.46 -9.90
C GLN A 329 -24.34 -5.07 -10.44
N GLY A 330 -23.27 -4.31 -10.75
CA GLY A 330 -23.42 -2.95 -11.22
C GLY A 330 -23.10 -1.90 -10.17
N TYR A 331 -23.14 -0.65 -10.61
CA TYR A 331 -22.81 0.48 -9.76
C TYR A 331 -23.93 0.76 -8.78
N ASN A 332 -23.58 0.91 -7.51
CA ASN A 332 -24.54 1.26 -6.49
C ASN A 332 -24.11 2.55 -5.84
N ASN A 333 -24.79 3.65 -6.16
CA ASN A 333 -24.50 4.95 -5.56
C ASN A 333 -24.88 5.12 -4.09
N SER A 334 -25.44 4.08 -3.48
CA SER A 334 -25.76 4.11 -2.03
C SER A 334 -24.57 3.66 -1.19
N VAL A 335 -23.58 3.06 -1.85
CA VAL A 335 -22.39 2.52 -1.19
C VAL A 335 -21.38 3.62 -0.93
N ASP A 336 -20.82 3.63 0.28
CA ASP A 336 -19.74 4.52 0.66
C ASP A 336 -18.39 3.94 0.17
N PRO A 337 -17.76 4.58 -0.84
CA PRO A 337 -16.54 4.04 -1.40
C PRO A 337 -15.29 4.50 -0.64
N ARG A 338 -15.46 5.29 0.41
CA ARG A 338 -14.33 5.77 1.21
C ARG A 338 -13.58 4.62 1.90
N ILE A 339 -12.26 4.72 1.90
CA ILE A 339 -11.42 3.79 2.64
C ILE A 339 -11.60 4.08 4.12
N SER A 340 -11.85 3.05 4.91
CA SER A 340 -11.98 3.21 6.34
C SER A 340 -10.62 3.30 7.01
N ASN A 341 -10.59 3.91 8.20
CA ASN A 341 -9.36 3.99 8.97
C ASN A 341 -8.84 2.58 9.29
N VAL A 342 -9.73 1.69 9.76
CA VAL A 342 -9.28 0.32 10.10
C VAL A 342 -8.65 -0.47 8.93
N PHE A 343 -9.17 -0.29 7.72
CA PHE A 343 -8.61 -0.92 6.52
C PHE A 343 -7.13 -0.60 6.32
N THR A 344 -6.74 0.64 6.61
CA THR A 344 -5.36 1.03 6.41
C THR A 344 -4.42 0.25 7.35
N PHE A 345 -4.98 -0.36 8.40
CA PHE A 345 -4.23 -1.25 9.28
C PHE A 345 -4.40 -2.71 8.90
N ALA A 346 -5.61 -3.07 8.47
CA ALA A 346 -5.90 -4.41 7.99
C ALA A 346 -5.02 -4.80 6.81
N PHE A 347 -4.83 -3.86 5.89
CA PHE A 347 -4.04 -4.11 4.69
C PHE A 347 -2.55 -4.24 5.04
N ARG A 348 -2.20 -3.98 6.28
CA ARG A 348 -0.82 -4.08 6.69
C ARG A 348 -0.41 -5.53 6.89
N PHE A 349 -1.32 -6.45 6.61
CA PHE A 349 -1.00 -7.87 6.68
C PHE A 349 0.18 -8.18 5.76
N GLY A 350 0.37 -7.32 4.75
CA GLY A 350 1.47 -7.46 3.79
C GLY A 350 2.84 -7.43 4.43
N HIS A 351 2.95 -6.78 5.58
CA HIS A 351 4.22 -6.65 6.29
C HIS A 351 4.79 -8.01 6.71
N MET A 352 3.91 -8.99 6.92
CA MET A 352 4.35 -10.32 7.28
C MET A 352 4.64 -11.23 6.07
N GLU A 353 4.42 -10.69 4.86
CA GLU A 353 4.67 -11.39 3.59
C GLU A 353 6.00 -11.00 2.95
N VAL A 354 6.72 -10.09 3.58
CA VAL A 354 7.95 -9.56 3.01
C VAL A 354 9.14 -10.38 3.49
N PRO A 355 9.89 -10.97 2.56
CA PRO A 355 11.05 -11.78 2.89
C PRO A 355 12.29 -10.95 3.19
N SER A 356 13.34 -11.59 3.67
CA SER A 356 14.54 -10.89 4.14
C SER A 356 15.48 -10.44 3.05
N THR A 357 15.37 -11.02 1.85
CA THR A 357 16.28 -10.69 0.76
C THR A 357 15.57 -10.42 -0.56
N VAL A 358 16.29 -9.78 -1.49
CA VAL A 358 15.81 -9.53 -2.84
C VAL A 358 16.91 -9.96 -3.82
N SER A 359 16.50 -10.67 -4.87
CA SER A 359 17.43 -11.23 -5.85
C SER A 359 17.35 -10.59 -7.25
N ARG A 360 18.50 -10.54 -7.91
CA ARG A 360 18.54 -10.20 -9.33
C ARG A 360 18.86 -11.49 -10.07
N LEU A 361 18.09 -11.75 -11.13
CA LEU A 361 18.24 -12.96 -11.90
C LEU A 361 18.49 -12.66 -13.36
N ASP A 362 19.37 -13.45 -13.96
CA ASP A 362 19.73 -13.29 -15.37
C ASP A 362 18.74 -13.97 -16.28
N GLU A 363 19.06 -13.98 -17.56
CA GLU A 363 18.16 -14.48 -18.59
C GLU A 363 17.80 -15.95 -18.41
N ASN A 364 18.71 -16.73 -17.84
CA ASN A 364 18.43 -18.14 -17.50
C ASN A 364 17.78 -18.26 -16.12
N TYR A 365 17.30 -17.13 -15.59
CA TYR A 365 16.78 -17.05 -14.23
C TYR A 365 17.76 -17.66 -13.23
N GLN A 366 19.02 -17.27 -13.35
CA GLN A 366 20.05 -17.68 -12.43
C GLN A 366 20.71 -16.42 -11.88
N PRO A 367 21.39 -16.53 -10.71
CA PRO A 367 22.03 -15.38 -10.09
C PRO A 367 22.68 -14.40 -11.07
N TRP A 368 22.26 -13.15 -11.00
CA TRP A 368 22.79 -12.10 -11.85
C TRP A 368 23.97 -11.44 -11.14
N GLY A 369 25.18 -11.86 -11.50
CA GLY A 369 26.37 -11.32 -10.88
C GLY A 369 26.70 -11.99 -9.55
N PRO A 370 27.82 -11.61 -8.97
CA PRO A 370 28.27 -12.14 -7.68
C PRO A 370 27.34 -11.78 -6.51
N GLU A 371 27.00 -10.51 -6.35
CA GLU A 371 26.02 -10.10 -5.33
C GLU A 371 24.60 -10.14 -5.89
N ALA A 372 24.15 -11.32 -6.26
CA ALA A 372 22.82 -11.47 -6.84
C ALA A 372 21.75 -11.23 -5.79
N GLU A 373 21.99 -11.75 -4.59
CA GLU A 373 21.02 -11.67 -3.52
C GLU A 373 21.45 -10.64 -2.50
N LEU A 374 20.53 -9.77 -2.14
CA LEU A 374 20.81 -8.67 -1.22
C LEU A 374 19.84 -8.63 -0.05
N PRO A 375 20.31 -8.17 1.13
CA PRO A 375 19.42 -8.02 2.29
C PRO A 375 18.42 -6.93 1.97
N LEU A 376 17.18 -7.12 2.40
CA LEU A 376 16.12 -6.18 2.05
C LEU A 376 16.50 -4.78 2.55
N HIS A 377 17.11 -4.70 3.72
CA HIS A 377 17.35 -3.39 4.31
C HIS A 377 18.26 -2.46 3.48
N THR A 378 19.16 -3.04 2.69
CA THR A 378 20.03 -2.22 1.84
C THR A 378 19.30 -1.72 0.60
N LEU A 379 18.00 -2.03 0.52
CA LEU A 379 17.22 -1.66 -0.67
C LEU A 379 16.11 -0.64 -0.40
N PHE A 380 16.02 -0.16 0.84
CA PHE A 380 15.08 0.91 1.18
C PHE A 380 15.60 2.21 0.57
N PHE A 381 14.75 2.87 -0.21
CA PHE A 381 15.09 4.15 -0.87
C PHE A 381 16.33 4.04 -1.74
N ASN A 382 16.43 2.92 -2.42
CA ASN A 382 17.57 2.58 -3.24
C ASN A 382 17.18 2.56 -4.69
N THR A 383 17.53 3.62 -5.41
CA THR A 383 17.27 3.69 -6.83
C THR A 383 18.55 3.46 -7.63
N TRP A 384 19.70 3.63 -6.98
CA TRP A 384 20.98 3.45 -7.67
C TRP A 384 21.22 2.00 -8.13
N ARG A 385 20.76 1.04 -7.33
CA ARG A 385 20.81 -0.38 -7.69
C ARG A 385 20.03 -0.68 -8.97
N ILE A 386 19.03 0.14 -9.26
CA ILE A 386 18.29 0.01 -10.51
C ILE A 386 19.11 0.60 -11.67
N ILE A 387 19.48 1.87 -11.54
CA ILE A 387 20.09 2.61 -12.65
C ILE A 387 21.54 2.19 -12.91
N LYS A 388 22.28 2.01 -11.84
CA LYS A 388 23.68 1.62 -11.92
C LYS A 388 23.94 0.12 -11.81
N ASP A 389 22.89 -0.69 -11.67
CA ASP A 389 23.11 -2.13 -11.56
C ASP A 389 22.15 -3.00 -12.36
N GLY A 390 22.18 -2.89 -13.69
CA GLY A 390 21.36 -3.74 -14.54
C GLY A 390 19.89 -3.49 -14.77
N GLY A 391 19.36 -2.40 -14.24
CA GLY A 391 17.97 -2.01 -14.48
C GLY A 391 16.91 -2.88 -13.84
N ILE A 392 15.68 -2.73 -14.37
CA ILE A 392 14.48 -3.35 -13.79
C ILE A 392 14.34 -4.86 -14.08
N ASP A 393 14.87 -5.30 -15.22
CA ASP A 393 14.65 -6.69 -15.66
C ASP A 393 15.10 -7.79 -14.70
N PRO A 394 16.35 -7.72 -14.17
CA PRO A 394 16.78 -8.74 -13.21
C PRO A 394 15.90 -8.77 -11.96
N LEU A 395 15.32 -7.62 -11.62
CA LEU A 395 14.49 -7.51 -10.42
C LEU A 395 13.11 -8.06 -10.67
N VAL A 396 12.59 -7.84 -11.88
CA VAL A 396 11.30 -8.39 -12.28
C VAL A 396 11.35 -9.92 -12.31
N ARG A 397 12.47 -10.47 -12.77
CA ARG A 397 12.65 -11.94 -12.80
C ARG A 397 12.61 -12.54 -11.40
N GLY A 398 13.23 -11.84 -10.44
CA GLY A 398 13.19 -12.23 -9.05
C GLY A 398 11.77 -12.16 -8.51
N LEU A 399 11.06 -11.08 -8.82
CA LEU A 399 9.62 -10.97 -8.47
C LEU A 399 8.83 -12.19 -8.93
N LEU A 400 9.22 -12.75 -10.07
CA LEU A 400 8.51 -13.89 -10.66
C LEU A 400 8.96 -15.23 -10.06
N ALA A 401 10.27 -15.38 -9.91
CA ALA A 401 10.83 -16.69 -9.58
C ALA A 401 11.08 -16.91 -8.10
N LYS A 402 11.05 -15.84 -7.30
CA LYS A 402 11.23 -16.00 -5.86
C LYS A 402 9.88 -15.90 -5.16
N ASN A 403 9.87 -16.35 -3.90
CA ASN A 403 8.66 -16.49 -3.10
C ASN A 403 8.45 -15.31 -2.15
N SER A 404 7.18 -15.00 -1.86
CA SER A 404 6.86 -14.12 -0.73
C SER A 404 7.21 -14.86 0.55
N LYS A 405 7.31 -14.12 1.66
CA LYS A 405 7.38 -14.73 2.99
C LYS A 405 5.98 -15.19 3.35
N LEU A 406 5.90 -16.35 4.00
CA LEU A 406 4.64 -16.84 4.53
C LEU A 406 4.44 -16.29 5.93
N MET A 407 3.26 -15.77 6.18
CA MET A 407 2.89 -15.37 7.52
C MET A 407 3.00 -16.60 8.42
N ASN A 408 3.49 -16.40 9.62
CA ASN A 408 3.80 -17.48 10.52
C ASN A 408 3.62 -16.93 11.92
N GLN A 409 2.82 -17.61 12.74
CA GLN A 409 2.56 -17.15 14.12
C GLN A 409 3.83 -17.01 14.95
N ASN A 410 4.81 -17.86 14.66
CA ASN A 410 6.10 -17.78 15.33
C ASN A 410 7.14 -16.91 14.62
N LYS A 411 6.87 -16.53 13.38
CA LYS A 411 7.79 -15.68 12.61
C LYS A 411 7.04 -14.58 11.86
N MET A 412 6.52 -13.59 12.56
CA MET A 412 5.71 -12.57 11.89
C MET A 412 6.32 -11.53 10.92
N VAL A 413 7.34 -10.81 11.34
CA VAL A 413 7.94 -9.78 10.51
C VAL A 413 9.47 -9.91 10.53
N THR A 414 10.04 -10.02 9.34
CA THR A 414 11.48 -10.10 9.19
C THR A 414 12.17 -8.93 9.87
N SER A 415 13.32 -9.22 10.47
CA SER A 415 14.13 -8.20 11.10
C SER A 415 14.61 -7.14 10.12
N GLU A 416 14.61 -7.45 8.82
CA GLU A 416 14.95 -6.42 7.84
C GLU A 416 13.99 -5.24 7.99
N LEU A 417 12.74 -5.53 8.33
CA LEU A 417 11.73 -4.49 8.56
C LEU A 417 11.57 -4.16 10.04
N ARG A 418 11.70 -5.17 10.87
CA ARG A 418 11.55 -5.06 12.32
C ARG A 418 12.64 -4.29 13.06
N ASN A 419 13.87 -4.46 12.61
CA ASN A 419 15.01 -3.81 13.25
C ASN A 419 15.79 -2.85 12.37
N LYS A 420 15.71 -3.02 11.06
CA LYS A 420 16.54 -2.25 10.15
C LYS A 420 15.86 -1.26 9.22
N LEU A 421 14.59 -0.98 9.45
CA LEU A 421 13.85 -0.05 8.59
C LEU A 421 14.55 1.31 8.56
N PHE A 422 14.65 1.89 7.37
CA PHE A 422 15.16 3.25 7.19
C PHE A 422 13.99 4.17 6.91
N GLN A 423 13.94 5.29 7.63
CA GLN A 423 12.92 6.32 7.45
C GLN A 423 13.59 7.62 7.01
N PRO A 424 12.98 8.33 6.08
CA PRO A 424 13.55 9.58 5.57
C PRO A 424 13.65 10.67 6.61
N THR A 425 14.78 11.38 6.58
CA THR A 425 15.06 12.46 7.50
C THR A 425 15.67 11.87 8.74
N HIS A 426 15.66 10.55 8.80
CA HIS A 426 16.20 9.86 9.93
C HIS A 426 17.40 9.19 9.34
N LYS A 427 18.38 8.87 10.15
CA LYS A 427 19.71 8.64 9.58
C LYS A 427 20.10 7.17 9.53
N VAL A 428 19.46 6.36 10.35
CA VAL A 428 19.88 4.98 10.54
C VAL A 428 18.93 3.96 9.92
N HIS A 429 19.48 2.79 9.63
CA HIS A 429 18.70 1.60 9.31
C HIS A 429 18.40 0.88 10.62
N GLY A 430 17.54 1.49 11.43
CA GLY A 430 17.33 1.00 12.78
C GLY A 430 15.93 1.13 13.32
N PHE A 431 14.94 1.29 12.43
CA PHE A 431 13.55 1.44 12.85
C PHE A 431 12.82 0.09 12.81
N ASP A 432 11.62 0.08 13.39
CA ASP A 432 10.83 -1.11 13.54
C ASP A 432 9.44 -0.89 12.94
N LEU A 433 9.18 -1.47 11.77
CA LEU A 433 7.84 -1.32 11.15
C LEU A 433 6.68 -1.85 12.02
N ALA A 434 6.92 -2.93 12.75
CA ALA A 434 5.91 -3.54 13.60
C ALA A 434 5.51 -2.60 14.74
N ALA A 435 6.50 -2.03 15.43
CA ALA A 435 6.28 -1.08 16.51
C ALA A 435 5.53 0.13 15.98
N ILE A 436 6.00 0.67 14.86
CA ILE A 436 5.36 1.77 14.15
C ILE A 436 3.88 1.48 13.86
N ASN A 437 3.60 0.31 13.29
CA ASN A 437 2.21 -0.10 13.02
C ASN A 437 1.33 -0.04 14.28
N LEU A 438 1.84 -0.57 15.38
CA LEU A 438 1.11 -0.62 16.67
C LEU A 438 0.91 0.78 17.25
N GLN A 439 1.98 1.59 17.22
CA GLN A 439 1.91 2.98 17.67
C GLN A 439 0.91 3.79 16.84
N ARG A 440 0.89 3.48 15.55
CA ARG A 440 0.02 4.13 14.58
C ARG A 440 -1.46 3.74 14.79
N CYS A 441 -1.69 2.48 15.13
CA CYS A 441 -3.04 1.99 15.50
C CYS A 441 -3.60 2.88 16.59
N ARG A 442 -2.78 3.15 17.59
CA ARG A 442 -3.18 3.96 18.74
C ARG A 442 -3.32 5.44 18.39
N ASP A 443 -2.36 5.95 17.62
CA ASP A 443 -2.40 7.29 17.02
C ASP A 443 -3.77 7.50 16.35
N HIS A 444 -4.24 6.49 15.62
CA HIS A 444 -5.47 6.58 14.84
C HIS A 444 -6.76 6.30 15.61
N GLY A 445 -6.65 6.09 16.92
CA GLY A 445 -7.81 5.79 17.77
C GLY A 445 -8.56 4.52 17.41
N MET A 446 -7.82 3.45 17.06
CA MET A 446 -8.46 2.19 16.69
C MET A 446 -9.17 1.54 17.89
N PRO A 447 -10.42 1.07 17.66
CA PRO A 447 -11.04 0.16 18.63
C PRO A 447 -10.17 -1.08 18.74
N GLY A 448 -10.32 -1.85 19.80
CA GLY A 448 -9.48 -3.02 19.96
C GLY A 448 -9.96 -4.25 19.22
N TYR A 449 -9.19 -5.32 19.37
CA TYR A 449 -9.43 -6.58 18.69
C TYR A 449 -10.87 -7.09 18.80
N ASN A 450 -11.43 -7.11 20.01
CA ASN A 450 -12.76 -7.68 20.20
C ASN A 450 -13.88 -6.82 19.63
N SER A 451 -13.69 -5.50 19.64
CA SER A 451 -14.62 -4.58 18.97
C SER A 451 -14.73 -4.92 17.50
N TRP A 452 -13.59 -5.19 16.85
CA TRP A 452 -13.60 -5.60 15.45
C TRP A 452 -14.14 -7.03 15.24
N ARG A 453 -13.82 -7.93 16.18
CA ARG A 453 -14.40 -9.28 16.16
C ARG A 453 -15.93 -9.20 16.14
N GLY A 454 -16.49 -8.40 17.05
CA GLY A 454 -17.93 -8.15 17.13
C GLY A 454 -18.45 -7.54 15.85
N PHE A 455 -17.75 -6.51 15.35
CA PHE A 455 -18.08 -5.90 14.07
C PHE A 455 -18.25 -6.92 12.95
N CYS A 456 -17.43 -7.97 13.01
CA CYS A 456 -17.41 -8.98 11.97
C CYS A 456 -18.27 -10.22 12.27
N GLY A 457 -19.07 -10.17 13.34
CA GLY A 457 -19.94 -11.28 13.72
C GLY A 457 -19.17 -12.46 14.29
N LEU A 458 -17.99 -12.19 14.83
CA LEU A 458 -17.12 -13.24 15.35
C LEU A 458 -17.09 -13.19 16.87
N SER A 459 -16.72 -14.32 17.49
CA SER A 459 -16.68 -14.43 18.94
C SER A 459 -15.60 -13.53 19.52
N GLN A 460 -15.83 -13.08 20.75
CA GLN A 460 -14.92 -12.19 21.44
C GLN A 460 -14.29 -12.87 22.66
N PRO A 461 -13.12 -13.52 22.46
CA PRO A 461 -12.40 -14.18 23.56
C PRO A 461 -12.20 -13.24 24.75
N LYS A 462 -12.49 -13.71 25.95
CA LYS A 462 -12.27 -12.88 27.14
C LYS A 462 -11.17 -13.44 28.03
N THR A 463 -10.88 -14.73 27.89
CA THR A 463 -9.89 -15.38 28.75
C THR A 463 -8.69 -15.86 27.93
N LEU A 464 -7.66 -16.33 28.62
CA LEU A 464 -6.49 -16.92 27.97
C LEU A 464 -6.94 -18.08 27.11
N LYS A 465 -7.84 -18.89 27.66
CA LYS A 465 -8.28 -20.12 27.02
C LYS A 465 -9.16 -19.87 25.79
N GLY A 466 -9.97 -18.82 25.85
CA GLY A 466 -10.77 -18.40 24.69
C GLY A 466 -9.88 -17.92 23.55
N LEU A 467 -8.86 -17.16 23.89
CA LEU A 467 -7.92 -16.63 22.90
C LEU A 467 -7.06 -17.75 22.29
N GLN A 468 -6.72 -18.75 23.11
CA GLN A 468 -6.00 -19.92 22.63
C GLN A 468 -6.81 -20.66 21.59
N ALA A 469 -8.11 -20.79 21.85
CA ALA A 469 -8.98 -21.47 20.90
C ALA A 469 -9.13 -20.67 19.60
N VAL A 470 -9.30 -19.36 19.73
CA VAL A 470 -9.46 -18.50 18.55
C VAL A 470 -8.19 -18.52 17.69
N LEU A 471 -7.04 -18.37 18.34
CA LEU A 471 -5.78 -18.34 17.60
C LEU A 471 -5.21 -19.71 17.28
N LYS A 472 -5.76 -20.74 17.89
CA LYS A 472 -5.27 -22.09 17.71
C LYS A 472 -3.79 -22.14 18.04
N ASN A 473 -3.40 -21.38 19.06
CA ASN A 473 -2.02 -21.33 19.49
C ASN A 473 -1.90 -21.00 20.98
N LYS A 474 -1.48 -21.97 21.79
CA LYS A 474 -1.32 -21.72 23.22
C LYS A 474 -0.23 -20.73 23.59
N VAL A 475 0.94 -20.87 22.97
CA VAL A 475 2.08 -20.01 23.29
C VAL A 475 1.85 -18.55 22.88
N LEU A 476 1.39 -18.33 21.64
CA LEU A 476 1.09 -16.96 21.16
C LEU A 476 0.03 -16.27 22.02
N ALA A 477 -1.09 -16.96 22.27
CA ALA A 477 -2.13 -16.44 23.15
C ALA A 477 -1.63 -16.06 24.56
N LYS A 478 -0.75 -16.88 25.14
CA LYS A 478 -0.13 -16.56 26.46
C LYS A 478 0.69 -15.28 26.41
N LYS A 479 1.49 -15.14 25.38
CA LYS A 479 2.31 -13.96 25.17
C LYS A 479 1.43 -12.71 25.02
N LEU A 480 0.36 -12.83 24.23
CA LEU A 480 -0.56 -11.71 24.04
C LEU A 480 -1.23 -11.31 25.35
N LEU A 481 -1.74 -12.27 26.11
CA LEU A 481 -2.35 -11.96 27.42
C LEU A 481 -1.35 -11.48 28.48
N ASP A 482 -0.13 -12.00 28.44
CA ASP A 482 0.93 -11.48 29.33
C ASP A 482 1.18 -9.99 29.09
N LEU A 483 1.07 -9.55 27.83
CA LEU A 483 1.31 -8.15 27.49
C LEU A 483 0.04 -7.30 27.53
N TYR A 484 -1.02 -7.80 26.91
CA TYR A 484 -2.29 -7.12 26.93
C TYR A 484 -3.03 -7.93 27.97
N LYS A 485 -3.64 -7.32 28.96
CA LYS A 485 -4.15 -8.20 30.03
C LYS A 485 -5.53 -8.77 29.69
N THR A 486 -6.10 -8.26 28.61
CA THR A 486 -7.39 -8.71 28.12
C THR A 486 -7.31 -8.59 26.61
N PRO A 487 -7.99 -9.51 25.89
CA PRO A 487 -8.04 -9.47 24.43
C PRO A 487 -8.78 -8.25 23.91
N ASP A 488 -9.54 -7.60 24.78
CA ASP A 488 -10.17 -6.32 24.47
C ASP A 488 -9.13 -5.24 24.16
N ASN A 489 -7.93 -5.36 24.73
CA ASN A 489 -6.89 -4.33 24.56
C ASN A 489 -5.90 -4.59 23.42
N ILE A 490 -6.03 -5.74 22.78
CA ILE A 490 -5.09 -6.13 21.74
C ILE A 490 -5.30 -5.22 20.52
N ASP A 491 -4.24 -4.51 20.14
CA ASP A 491 -4.27 -3.64 18.96
C ASP A 491 -4.65 -4.47 17.75
N ILE A 492 -5.52 -3.92 16.90
CA ILE A 492 -6.09 -4.64 15.74
C ILE A 492 -5.06 -5.21 14.77
N TRP A 493 -3.99 -4.49 14.53
CA TRP A 493 -2.98 -4.98 13.58
C TRP A 493 -2.39 -6.31 14.02
N ILE A 494 -2.01 -6.41 15.29
CA ILE A 494 -1.41 -7.67 15.75
C ILE A 494 -2.47 -8.74 15.98
N GLY A 495 -3.60 -8.33 16.55
CA GLY A 495 -4.75 -9.23 16.73
C GLY A 495 -5.18 -9.90 15.44
N GLY A 496 -5.51 -9.08 14.44
CA GLY A 496 -5.95 -9.62 13.14
C GLY A 496 -4.92 -10.54 12.50
N ASN A 497 -3.65 -10.15 12.57
CA ASN A 497 -2.62 -10.94 11.91
C ASN A 497 -2.22 -12.20 12.67
N ALA A 498 -2.59 -12.26 13.95
CA ALA A 498 -2.30 -13.42 14.79
C ALA A 498 -3.18 -14.61 14.44
N GLU A 499 -4.37 -14.34 13.89
CA GLU A 499 -5.31 -15.39 13.54
C GLU A 499 -4.82 -16.28 12.39
N PRO A 500 -5.03 -17.60 12.51
CA PRO A 500 -4.64 -18.54 11.43
C PRO A 500 -5.40 -18.24 10.15
N MET A 501 -4.76 -18.52 9.03
CA MET A 501 -5.27 -18.19 7.70
C MET A 501 -6.46 -19.03 7.28
N VAL A 502 -7.43 -18.39 6.63
CA VAL A 502 -8.58 -19.09 6.07
C VAL A 502 -8.12 -19.99 4.93
N GLU A 503 -8.94 -21.01 4.65
CA GLU A 503 -8.68 -21.97 3.58
C GLU A 503 -8.46 -21.23 2.26
N ARG A 504 -7.37 -21.58 1.57
CA ARG A 504 -7.03 -21.02 0.26
C ARG A 504 -6.81 -19.53 0.31
N GLY A 505 -6.44 -19.01 1.46
CA GLY A 505 -6.27 -17.57 1.65
C GLY A 505 -4.98 -17.29 2.38
N ARG A 506 -4.72 -16.01 2.67
CA ARG A 506 -3.46 -15.62 3.34
C ARG A 506 -3.70 -14.64 4.50
N VAL A 507 -4.97 -14.54 4.92
CA VAL A 507 -5.36 -13.78 6.11
C VAL A 507 -6.38 -14.58 6.91
N GLY A 508 -6.56 -14.21 8.17
CA GLY A 508 -7.54 -14.88 9.02
C GLY A 508 -8.96 -14.40 8.78
N PRO A 509 -9.93 -14.95 9.53
CA PRO A 509 -11.34 -14.55 9.42
C PRO A 509 -11.58 -13.06 9.71
N LEU A 510 -10.96 -12.52 10.75
CA LEU A 510 -11.16 -11.09 11.07
C LEU A 510 -10.73 -10.18 9.92
N LEU A 511 -9.52 -10.40 9.41
CA LEU A 511 -9.01 -9.56 8.33
C LEU A 511 -9.79 -9.75 7.02
N ALA A 512 -10.17 -10.98 6.71
CA ALA A 512 -10.91 -11.26 5.49
C ALA A 512 -12.24 -10.50 5.48
N CYS A 513 -12.80 -10.31 6.67
CA CYS A 513 -14.02 -9.54 6.83
C CYS A 513 -13.77 -8.04 6.66
N LEU A 514 -12.70 -7.53 7.27
CA LEU A 514 -12.37 -6.10 7.15
C LEU A 514 -11.92 -5.75 5.72
N LEU A 515 -11.03 -6.57 5.15
CA LEU A 515 -10.60 -6.37 3.77
C LEU A 515 -11.74 -6.60 2.77
N GLY A 516 -12.44 -7.72 2.93
CA GLY A 516 -13.54 -8.11 2.06
C GLY A 516 -14.61 -7.04 1.94
N ARG A 517 -15.04 -6.50 3.07
CA ARG A 517 -16.00 -5.41 3.12
C ARG A 517 -15.50 -4.17 2.40
N GLN A 518 -14.24 -3.81 2.63
CA GLN A 518 -13.68 -2.61 2.01
C GLN A 518 -13.60 -2.71 0.50
N PHE A 519 -13.02 -3.79 0.01
CA PHE A 519 -12.94 -3.99 -1.44
C PHE A 519 -14.32 -4.09 -2.10
N GLN A 520 -15.28 -4.71 -1.42
CA GLN A 520 -16.66 -4.77 -1.93
C GLN A 520 -17.18 -3.35 -2.14
N GLN A 521 -16.91 -2.49 -1.17
CA GLN A 521 -17.32 -1.09 -1.21
C GLN A 521 -16.61 -0.27 -2.31
N ILE A 522 -15.29 -0.37 -2.39
CA ILE A 522 -14.57 0.39 -3.44
C ILE A 522 -15.00 -0.01 -4.86
N ARG A 523 -15.35 -1.28 -5.06
CA ARG A 523 -15.93 -1.73 -6.33
C ARG A 523 -17.39 -1.36 -6.60
N ASP A 524 -18.29 -1.68 -5.66
CA ASP A 524 -19.73 -1.40 -5.81
C ASP A 524 -20.06 0.09 -5.87
N GLY A 525 -19.24 0.90 -5.20
CA GLY A 525 -19.48 2.33 -5.09
C GLY A 525 -18.66 3.19 -6.02
N ASP A 526 -18.05 2.56 -7.02
CA ASP A 526 -17.23 3.27 -8.00
C ASP A 526 -18.02 3.44 -9.29
N ARG A 527 -18.37 4.69 -9.62
CA ARG A 527 -19.17 4.99 -10.81
C ARG A 527 -18.38 4.69 -12.07
N PHE A 528 -17.05 4.65 -11.93
CA PHE A 528 -16.18 4.37 -13.05
C PHE A 528 -15.57 2.98 -12.98
N TRP A 529 -16.19 2.07 -12.22
CA TRP A 529 -15.75 0.68 -12.21
C TRP A 529 -15.70 0.20 -13.66
N TRP A 530 -14.64 -0.51 -14.02
CA TRP A 530 -14.42 -0.94 -15.41
C TRP A 530 -15.59 -1.75 -16.00
N GLU A 531 -16.31 -2.47 -15.15
CA GLU A 531 -17.38 -3.34 -15.63
C GLU A 531 -18.77 -2.72 -15.48
N ASN A 532 -18.83 -1.49 -14.96
CA ASN A 532 -20.09 -0.77 -14.90
C ASN A 532 -20.54 -0.47 -16.34
N PRO A 533 -21.71 -1.01 -16.75
CA PRO A 533 -22.20 -0.77 -18.10
C PRO A 533 -22.07 0.70 -18.52
N GLY A 534 -21.42 0.94 -19.66
CA GLY A 534 -21.26 2.28 -20.20
C GLY A 534 -19.90 2.91 -20.02
N VAL A 535 -19.12 2.41 -19.05
CA VAL A 535 -17.78 2.95 -18.81
C VAL A 535 -16.93 2.61 -20.02
N PHE A 536 -16.85 1.32 -20.32
CA PHE A 536 -16.26 0.83 -21.57
C PHE A 536 -17.39 0.28 -22.43
N THR A 537 -17.11 0.08 -23.72
CA THR A 537 -18.02 -0.67 -24.60
C THR A 537 -17.86 -2.16 -24.34
N GLU A 538 -18.88 -2.94 -24.67
CA GLU A 538 -18.84 -4.39 -24.50
C GLU A 538 -17.64 -5.02 -25.21
N LYS A 539 -17.33 -4.54 -26.40
CA LYS A 539 -16.17 -5.02 -27.16
C LYS A 539 -14.86 -4.71 -26.43
N GLN A 540 -14.76 -3.51 -25.88
CA GLN A 540 -13.60 -3.11 -25.08
C GLN A 540 -13.45 -4.04 -23.88
N ARG A 541 -14.56 -4.29 -23.18
CA ARG A 541 -14.57 -5.15 -22.00
C ARG A 541 -14.06 -6.55 -22.30
N ASP A 542 -14.39 -7.08 -23.48
CA ASP A 542 -13.90 -8.39 -23.94
C ASP A 542 -12.38 -8.38 -24.10
N SER A 543 -11.83 -7.28 -24.60
CA SER A 543 -10.38 -7.11 -24.72
C SER A 543 -9.69 -7.04 -23.37
N LEU A 544 -10.31 -6.30 -22.44
CA LEU A 544 -9.76 -6.09 -21.10
C LEU A 544 -9.73 -7.39 -20.29
N GLN A 545 -10.70 -8.25 -20.58
CA GLN A 545 -10.86 -9.55 -19.96
C GLN A 545 -9.57 -10.40 -20.00
N LYS A 546 -8.71 -10.10 -20.96
CA LYS A 546 -7.54 -10.93 -21.17
C LYS A 546 -6.22 -10.33 -20.67
N VAL A 547 -6.29 -9.18 -19.98
CA VAL A 547 -5.07 -8.60 -19.39
C VAL A 547 -4.46 -9.57 -18.40
N SER A 548 -3.14 -9.54 -18.29
CA SER A 548 -2.44 -10.38 -17.34
C SER A 548 -1.19 -9.65 -16.91
N PHE A 549 -0.71 -9.94 -15.71
CA PHE A 549 0.55 -9.36 -15.28
C PHE A 549 1.68 -9.95 -16.14
N SER A 550 1.46 -11.16 -16.66
CA SER A 550 2.42 -11.80 -17.57
C SER A 550 2.63 -10.96 -18.83
N ARG A 551 1.52 -10.48 -19.39
CA ARG A 551 1.56 -9.64 -20.58
C ARG A 551 2.16 -8.27 -20.30
N LEU A 552 1.85 -7.69 -19.14
CA LEU A 552 2.43 -6.41 -18.75
C LEU A 552 3.94 -6.49 -18.76
N ILE A 553 4.47 -7.59 -18.25
CA ILE A 553 5.91 -7.80 -18.21
C ILE A 553 6.49 -7.87 -19.62
N CYS A 554 5.90 -8.73 -20.45
CA CYS A 554 6.34 -8.94 -21.85
C CYS A 554 6.40 -7.64 -22.63
N ASP A 555 5.32 -6.88 -22.52
CA ASP A 555 5.12 -5.63 -23.24
C ASP A 555 6.04 -4.51 -22.81
N ASN A 556 6.61 -4.62 -21.61
CA ASN A 556 7.28 -3.47 -20.99
C ASN A 556 8.69 -3.70 -20.45
N THR A 557 9.26 -4.87 -20.74
CA THR A 557 10.63 -5.19 -20.37
C THR A 557 11.27 -5.98 -21.50
N HIS A 558 12.50 -6.43 -21.30
CA HIS A 558 13.10 -7.33 -22.29
C HIS A 558 13.03 -8.79 -21.83
N ILE A 559 12.12 -9.07 -20.88
CA ILE A 559 11.82 -10.46 -20.49
C ILE A 559 10.96 -11.08 -21.58
N THR A 560 11.36 -12.27 -22.03
CA THR A 560 10.62 -13.00 -23.07
C THR A 560 10.04 -14.32 -22.54
N LYS A 561 10.34 -14.64 -21.29
CA LYS A 561 9.85 -15.88 -20.67
C LYS A 561 9.12 -15.60 -19.34
N VAL A 562 7.82 -15.92 -19.32
CA VAL A 562 6.94 -15.59 -18.21
C VAL A 562 6.02 -16.76 -17.84
N PRO A 563 5.56 -16.84 -16.57
CA PRO A 563 4.52 -17.79 -16.20
C PRO A 563 3.13 -17.26 -16.56
N LEU A 564 2.17 -18.15 -16.73
CA LEU A 564 0.80 -17.72 -17.02
C LEU A 564 0.18 -17.09 -15.77
N HIS A 565 0.40 -17.72 -14.61
CA HIS A 565 -0.19 -17.28 -13.35
C HIS A 565 0.87 -16.67 -12.45
N ALA A 566 1.10 -15.37 -12.64
CA ALA A 566 2.24 -14.68 -12.03
C ALA A 566 2.27 -14.63 -10.49
N PHE A 567 1.10 -14.70 -9.86
CA PHE A 567 1.03 -14.64 -8.39
C PHE A 567 1.30 -15.96 -7.66
N GLN A 568 1.13 -17.09 -8.34
CA GLN A 568 1.48 -18.35 -7.68
C GLN A 568 2.99 -18.54 -7.72
N ALA A 569 3.50 -19.51 -6.96
CA ALA A 569 4.95 -19.74 -6.94
C ALA A 569 5.34 -20.48 -8.21
N ASN A 570 6.18 -19.84 -9.03
CA ASN A 570 6.57 -20.41 -10.32
C ASN A 570 8.08 -20.64 -10.42
N ASN A 571 8.46 -21.81 -10.93
CA ASN A 571 9.87 -22.16 -11.07
C ASN A 571 10.30 -22.31 -12.53
N TYR A 572 11.47 -21.78 -12.83
CA TYR A 572 12.02 -21.75 -14.17
C TYR A 572 12.92 -22.97 -14.39
N PRO A 573 12.88 -23.59 -15.59
CA PRO A 573 12.09 -23.18 -16.76
C PRO A 573 10.68 -23.77 -16.85
N HIS A 574 10.36 -24.69 -15.95
CA HIS A 574 9.14 -25.50 -16.08
C HIS A 574 7.86 -24.69 -16.16
N ASP A 575 7.66 -23.77 -15.22
CA ASP A 575 6.41 -23.03 -15.12
C ASP A 575 6.37 -21.81 -16.03
N PHE A 576 7.44 -21.64 -16.82
CA PHE A 576 7.58 -20.46 -17.68
C PHE A 576 7.35 -20.78 -19.15
N VAL A 577 6.67 -19.88 -19.85
CA VAL A 577 6.42 -19.99 -21.29
C VAL A 577 6.94 -18.76 -22.01
N ASP A 578 7.13 -18.88 -23.32
CA ASP A 578 7.51 -17.72 -24.13
C ASP A 578 6.36 -16.72 -24.17
N CYS A 579 6.70 -15.44 -24.25
CA CYS A 579 5.70 -14.38 -24.32
C CYS A 579 4.72 -14.57 -25.50
N SER A 580 5.19 -15.16 -26.60
CA SER A 580 4.36 -15.42 -27.78
C SER A 580 3.10 -16.24 -27.51
N ALA A 581 3.10 -17.01 -26.43
CA ALA A 581 1.93 -17.80 -26.05
C ALA A 581 0.92 -16.98 -25.21
N VAL A 582 1.32 -15.79 -24.78
CA VAL A 582 0.53 -14.99 -23.83
C VAL A 582 -0.42 -14.01 -24.51
N ASP A 583 -1.70 -14.11 -24.17
CA ASP A 583 -2.74 -13.19 -24.68
C ASP A 583 -2.33 -11.72 -24.59
N LYS A 584 -2.65 -10.98 -25.64
CA LYS A 584 -2.32 -9.57 -25.70
C LYS A 584 -3.59 -8.74 -25.52
N LEU A 585 -3.42 -7.49 -25.12
CA LEU A 585 -4.53 -6.56 -25.02
C LEU A 585 -4.85 -6.04 -26.43
N ASP A 586 -6.03 -6.40 -26.94
CA ASP A 586 -6.43 -5.99 -28.28
C ASP A 586 -7.06 -4.61 -28.24
N LEU A 587 -6.31 -3.62 -28.70
CA LEU A 587 -6.80 -2.24 -28.64
C LEU A 587 -7.70 -1.85 -29.82
N SER A 588 -7.96 -2.79 -30.73
CA SER A 588 -8.81 -2.55 -31.91
C SER A 588 -10.15 -1.84 -31.57
N PRO A 589 -10.93 -2.39 -30.61
CA PRO A 589 -12.18 -1.77 -30.13
C PRO A 589 -12.09 -0.32 -29.64
N TRP A 590 -10.88 0.22 -29.51
CA TRP A 590 -10.72 1.64 -29.17
C TRP A 590 -10.62 2.53 -30.42
N ALA A 591 -10.57 1.91 -31.59
CA ALA A 591 -10.57 2.65 -32.86
C ALA A 591 -11.85 3.47 -32.98
N SER A 592 -11.71 4.78 -33.12
CA SER A 592 -12.86 5.68 -33.13
C SER A 592 -13.09 6.28 -34.51
N ARG A 593 -14.20 5.86 -35.14
CA ARG A 593 -14.53 6.26 -36.50
C ARG A 593 -15.18 7.65 -36.58
N GLU A 594 -14.53 8.54 -37.34
CA GLU A 594 -15.02 9.91 -37.49
C GLU A 594 -16.17 10.02 -38.51
N ASN A 595 -15.99 9.44 -39.69
CA ASN A 595 -17.04 9.41 -40.70
C ASN A 595 -18.14 8.38 -40.38
C1 NAG B . 27.11 3.26 -3.74
C2 NAG B . 27.55 1.91 -3.14
C3 NAG B . 28.79 1.37 -3.85
C4 NAG B . 28.72 1.58 -5.37
C5 NAG B . 28.22 2.99 -5.75
C6 NAG B . 28.10 3.22 -7.26
C7 NAG B . 26.91 1.72 -0.80
C8 NAG B . 27.30 1.94 0.63
N2 NAG B . 27.82 2.06 -1.72
O3 NAG B . 28.97 -0.01 -3.58
O4 NAG B . 30.05 1.52 -5.82
O5 NAG B . 26.97 3.17 -5.15
O6 NAG B . 27.43 2.16 -7.91
O7 NAG B . 25.80 1.23 -1.07
C1 NAG B . 30.12 0.39 -6.72
C2 NAG B . 31.22 0.72 -7.70
C3 NAG B . 31.04 -0.37 -8.72
C4 NAG B . 31.69 -1.58 -8.07
C5 NAG B . 31.33 -1.77 -6.57
C6 NAG B . 32.60 -1.96 -5.71
C7 NAG B . 31.98 3.06 -7.73
C8 NAG B . 31.87 4.42 -8.38
N2 NAG B . 31.22 2.08 -8.25
O3 NAG B . 31.68 0.01 -9.92
O4 NAG B . 31.28 -2.72 -8.79
O5 NAG B . 30.50 -0.76 -5.99
O6 NAG B . 32.36 -2.78 -4.56
O7 NAG B . 32.72 2.91 -6.76
C1 NAG C . -1.41 -22.78 -5.61
C2 NAG C . -2.25 -24.03 -5.30
C3 NAG C . -3.39 -24.17 -6.31
C4 NAG C . -4.22 -22.89 -6.38
C5 NAG C . -3.31 -21.67 -6.57
C6 NAG C . -4.07 -20.35 -6.44
C7 NAG C . -1.28 -25.95 -4.11
C8 NAG C . -0.35 -27.12 -4.18
N2 NAG C . -1.39 -25.21 -5.22
O3 NAG C . -4.21 -25.28 -5.98
O4 NAG C . -5.15 -22.95 -7.45
O5 NAG C . -2.30 -21.65 -5.58
O6 NAG C . -3.09 -19.31 -6.53
O7 NAG C . -1.89 -25.72 -3.06
C1 NAG D . 8.27 14.47 -24.17
C2 NAG D . 9.52 13.79 -23.60
C3 NAG D . 10.60 13.90 -24.67
C4 NAG D . 10.10 13.38 -26.02
C5 NAG D . 8.73 13.96 -26.38
C6 NAG D . 8.10 13.39 -27.66
C7 NAG D . 9.81 13.87 -21.14
C8 NAG D . 10.32 14.69 -19.99
N2 NAG D . 9.94 14.41 -22.36
O3 NAG D . 11.74 13.18 -24.24
O4 NAG D . 11.05 13.76 -27.00
O5 NAG D . 7.83 13.77 -25.30
O6 NAG D . 7.77 12.03 -27.47
O7 NAG D . 9.32 12.75 -20.91
C1 NAG E . -26.85 -0.70 -2.61
C2 NAG E . -27.59 -2.02 -2.42
C3 NAG E . -28.46 -2.08 -1.16
C4 NAG E . -27.71 -1.57 0.07
C5 NAG E . -27.04 -0.26 -0.25
C6 NAG E . -26.33 0.25 1.01
C7 NAG E . -28.23 -3.41 -4.26
C8 NAG E . -29.07 -3.52 -5.51
N2 NAG E . -28.34 -2.26 -3.63
O3 NAG E . -28.77 -3.42 -0.87
O4 NAG E . -28.56 -1.45 1.19
O5 NAG E . -26.17 -0.42 -1.37
O6 NAG E . -25.02 -0.26 1.08
O7 NAG E . -27.50 -4.32 -3.85
CHA HEM F . 2.44 1.61 5.73
CHB HEM F . 6.89 0.06 4.71
CHC HEM F . 5.09 -3.62 2.20
CHD HEM F . 0.61 -2.18 3.31
C1A HEM F . 3.80 1.51 5.69
C2A HEM F . 4.71 2.44 6.33
C3A HEM F . 5.94 2.03 6.06
C4A HEM F . 5.86 0.83 5.23
CMA HEM F . 7.22 2.74 6.55
CAA HEM F . 4.30 3.68 7.17
CBA HEM F . 4.14 3.28 8.63
CGA HEM F . 3.54 4.39 9.45
O1A HEM F . 4.15 5.48 9.57
O2A HEM F . 2.44 4.17 10.03
C1B HEM F . 6.81 -1.06 3.88
C2B HEM F . 7.90 -1.73 3.19
C3B HEM F . 7.40 -2.74 2.47
C4B HEM F . 5.99 -2.73 2.71
CMB HEM F . 9.38 -1.33 3.28
CAB HEM F . 8.14 -3.76 1.57
CBB HEM F . 9.47 -3.96 1.67
C1C HEM F . 3.73 -3.54 2.30
C2C HEM F . 2.83 -4.50 1.74
C3C HEM F . 1.58 -4.13 2.03
C4C HEM F . 1.68 -2.90 2.80
CMC HEM F . 3.29 -5.75 0.95
CAC HEM F . 0.25 -4.82 1.65
CBC HEM F . 0.13 -5.98 0.99
C1D HEM F . 0.68 -1.00 3.99
C2D HEM F . -0.45 -0.14 4.32
C3D HEM F . 0.13 1.03 5.07
C4D HEM F . 1.54 0.79 5.11
CMD HEM F . -1.95 -0.30 4.02
CAD HEM F . -0.69 2.23 5.60
CBD HEM F . -0.73 3.25 4.45
CGD HEM F . -1.60 4.42 4.82
O1D HEM F . -2.85 4.33 4.64
O2D HEM F . -1.06 5.45 5.28
NA HEM F . 4.52 0.54 5.03
NB HEM F . 5.67 -1.70 3.55
NC HEM F . 3.01 -2.58 2.95
ND HEM F . 1.82 -0.41 4.49
FE HEM F . 3.76 -1.08 4.08
CA CA G . -6.76 5.57 -5.73
ZN ZN H . 17.72 -4.88 -22.75
I IOD I . -12.64 2.66 11.38
I IOD J . 14.97 13.50 -14.85
I IOD K . 14.20 -13.72 -19.95
I IOD L . 11.63 -6.70 25.41
I IOD M . -3.49 -21.81 -1.69
I IOD N . -12.98 -8.17 -12.08
I IOD O . -14.02 -16.88 26.33
I IOD P . -2.14 -14.94 -11.01
I IOD Q . 9.54 2.54 -22.46
I IOD R . 22.38 -11.64 0.99
I IOD S . 16.99 12.00 4.09
I IOD T . -25.50 7.87 -11.03
S SCN U . 12.16 12.57 -2.38
C SCN U . 11.05 11.46 -1.36
N SCN U . 10.96 9.96 -1.55
N1 3TR V . 8.37 8.09 0.64
N2 3TR V . 7.99 6.85 1.16
C3 3TR V . 8.08 6.95 2.43
N4 3TR V . 8.48 8.13 2.74
C5 3TR V . 8.67 8.85 1.67
N3A 3TR V . 7.78 5.91 3.37
N1 3TR W . 6.77 3.49 2.66
N2 3TR W . 6.16 2.29 2.44
C3 3TR W . 4.95 2.51 2.42
N4 3TR W . 4.77 3.75 2.61
C5 3TR W . 5.85 4.34 2.76
N3A 3TR W . 3.91 1.52 2.23
C1 EDO X . 22.55 -0.81 5.33
O1 EDO X . 23.30 -0.92 6.53
C2 EDO X . 22.75 0.59 4.77
O2 EDO X . 22.79 0.48 3.35
C1 EDO Y . -16.37 12.58 2.74
O1 EDO Y . -15.20 12.63 1.91
C2 EDO Y . -17.26 13.78 2.46
O2 EDO Y . -18.52 13.31 1.98
C1 EDO Z . -4.34 18.18 -13.32
O1 EDO Z . -3.51 17.78 -14.42
C2 EDO Z . -5.76 17.66 -13.53
O2 EDO Z . -6.63 18.22 -12.53
C1 EDO AA . 21.82 9.36 -11.56
O1 EDO AA . 21.57 10.69 -12.01
C2 EDO AA . 22.44 8.54 -12.68
O2 EDO AA . 21.64 8.71 -13.85
C1 EDO BA . 19.25 -17.20 -6.69
O1 EDO BA . 18.41 -17.72 -7.73
C2 EDO BA . 19.65 -15.78 -7.06
O2 EDO BA . 20.09 -15.11 -5.90
C1 GOL CA . 17.27 -4.92 18.14
O1 GOL CA . 18.69 -4.79 17.83
C2 GOL CA . 17.17 -6.29 18.76
O2 GOL CA . 18.19 -6.98 18.12
C3 GOL CA . 15.81 -6.98 18.58
O3 GOL CA . 14.88 -6.70 19.62
C1 GOL DA . 7.47 17.37 16.72
O1 GOL DA . 7.80 16.01 16.92
C2 GOL DA . 6.03 17.45 16.26
O2 GOL DA . 5.96 17.26 14.84
C3 GOL DA . 5.49 18.84 16.63
O3 GOL DA . 4.55 18.70 17.70
C1 MPD EA . 4.21 17.71 -8.73
C2 MPD EA . 4.95 18.21 -7.52
O2 MPD EA . 3.95 18.42 -6.60
CM MPD EA . 5.77 17.11 -6.87
C3 MPD EA . 5.66 19.53 -7.77
C4 MPD EA . 4.79 20.77 -7.53
O4 MPD EA . 5.57 21.95 -7.64
C5 MPD EA . 3.59 20.82 -8.49
C1 PEG FA . 9.56 -13.50 25.67
O1 PEG FA . 8.97 -13.70 24.37
C2 PEG FA . 8.51 -13.59 26.77
O2 PEG FA . 7.20 -13.55 26.19
C3 PEG FA . 6.24 -12.92 27.04
C4 PEG FA . 5.38 -12.00 26.17
O4 PEG FA . 4.19 -11.62 26.88
#